data_4XHU
#
_entry.id   4XHU
#
_cell.length_a   99.364
_cell.length_b   98.416
_cell.length_c   116.900
_cell.angle_alpha   90.00
_cell.angle_beta   113.19
_cell.angle_gamma   90.00
#
_symmetry.space_group_name_H-M   'C 1 2 1'
#
loop_
_entity.id
_entity.type
_entity.pdbx_description
1 polymer 'Poly [ADP-ribose] polymerase 1'
2 polymer 'Protein timeless homolog'
3 non-polymer GLYCEROL
4 non-polymer 'ACETATE ION'
5 non-polymer 'CALCIUM ION'
6 water water
#
loop_
_entity_poly.entity_id
_entity_poly.type
_entity_poly.pdbx_seq_one_letter_code
_entity_poly.pdbx_strand_id
1 'polypeptide(L)'
;GPGHMTKSKLPKPVQDLIKMIFDVESMKKAMVEYEIDLQKMPLGKLSKRQIQAAYSILSEVQQAVSQGSSDSQILDLSNR
FYTLIPHDFGMKKPPLLNNADSVQAKVEMLDNLLDIEVAYSLLRGGSDDSSKDPIDVNYEKLKTDIKVVDRDSEEAEIIR
KYVKNTHATTHNAYDLEVIDIFKIEREGECQRYKPFKQLHNRRLLWHGSRTTNFAGILSQGLRIAPPEAPVTGYMFGKGI
YFADMVSKSANYCHTSQGDPIGLILLGEVALGNMYELKHASHISKLPKGKHSVKGLGKTTPDPSANISLDGVDVPLGTGI
SSGVNDTSLLYNEYIVYDIAQVNLKYLLKLKFNFKTSLW
;
C,A
2 'polypeptide(L)'
;GSHMVLSNENLGQSLHQEGFSIPLLWLQNCLIRAADDREEDGCSQAVPLVPLTEENEEAMENEQFQQLLRKLGVRPPASG
QETFWRIPAKLSPTQLRRAAASL
;
D,B
#
loop_
_chem_comp.id
_chem_comp.type
_chem_comp.name
_chem_comp.formula
ACT non-polymer 'ACETATE ION' 'C2 H3 O2 -1'
CA non-polymer 'CALCIUM ION' 'Ca 2'
GOL non-polymer GLYCEROL 'C3 H8 O3'
#
# COMPACT_ATOMS: atom_id res chain seq x y z
N LEU A 10 -1.15 1.06 21.29
CA LEU A 10 -0.06 1.91 20.82
C LEU A 10 0.45 2.76 21.99
N PRO A 11 1.78 3.01 22.01
CA PRO A 11 2.42 3.88 23.01
C PRO A 11 1.75 5.24 23.10
N LYS A 12 1.58 5.74 24.33
CA LYS A 12 0.93 7.02 24.60
C LYS A 12 1.36 8.18 23.68
N PRO A 13 2.69 8.38 23.45
CA PRO A 13 3.06 9.49 22.56
C PRO A 13 2.52 9.33 21.14
N VAL A 14 2.46 8.09 20.65
CA VAL A 14 1.93 7.87 19.33
C VAL A 14 0.43 8.19 19.33
N GLN A 15 -0.27 7.74 20.36
CA GLN A 15 -1.71 8.02 20.48
C GLN A 15 -1.96 9.52 20.46
N ASP A 16 -1.17 10.26 21.24
CA ASP A 16 -1.28 11.71 21.28
C ASP A 16 -0.97 12.32 19.92
N LEU A 17 0.01 11.76 19.22
CA LEU A 17 0.36 12.24 17.87
C LEU A 17 -0.84 12.11 16.94
N ILE A 18 -1.43 10.92 16.89
CA ILE A 18 -2.61 10.67 16.07
C ILE A 18 -3.75 11.64 16.37
N LYS A 19 -4.05 11.82 17.66
CA LYS A 19 -5.12 12.73 18.07
C LYS A 19 -4.88 14.14 17.56
N MET A 20 -3.67 14.65 17.72
CA MET A 20 -3.44 16.05 17.37
C MET A 20 -3.46 16.28 15.85
N ILE A 21 -3.02 15.31 15.04
CA ILE A 21 -2.99 15.57 13.58
C ILE A 21 -4.35 15.36 12.95
N PHE A 22 -5.19 14.53 13.56
CA PHE A 22 -6.54 14.32 13.02
C PHE A 22 -7.57 15.20 13.73
N ASP A 23 -7.10 16.20 14.46
CA ASP A 23 -8.00 17.09 15.20
C ASP A 23 -8.82 17.96 14.23
N VAL A 24 -10.12 17.70 14.17
CA VAL A 24 -11.03 18.40 13.28
C VAL A 24 -11.19 19.87 13.68
N GLU A 25 -11.21 20.15 14.98
CA GLU A 25 -11.32 21.54 15.43
C GLU A 25 -10.08 22.31 15.02
N SER A 26 -8.92 21.64 15.01
CA SER A 26 -7.68 22.25 14.55
C SER A 26 -7.74 22.64 13.08
N MET A 27 -8.31 21.76 12.27
CA MET A 27 -8.43 22.03 10.83
C MET A 27 -9.31 23.26 10.61
N LYS A 28 -10.41 23.34 11.35
CA LYS A 28 -11.32 24.47 11.25
C LYS A 28 -10.62 25.78 11.61
N LYS A 29 -9.88 25.77 12.71
CA LYS A 29 -9.21 27.00 13.15
C LYS A 29 -8.15 27.43 12.12
N ALA A 30 -7.44 26.46 11.55
CA ALA A 30 -6.49 26.78 10.48
C ALA A 30 -7.22 27.50 9.33
N MET A 31 -8.36 26.96 8.93
CA MET A 31 -9.11 27.56 7.83
C MET A 31 -9.55 28.97 8.18
N VAL A 32 -9.98 29.15 9.43
CA VAL A 32 -10.46 30.45 9.87
C VAL A 32 -9.28 31.44 9.85
N GLU A 33 -8.13 30.98 10.32
CA GLU A 33 -6.89 31.76 10.26
C GLU A 33 -6.54 32.23 8.84
N TYR A 34 -7.00 31.48 7.83
CA TYR A 34 -6.79 31.90 6.44
C TYR A 34 -7.93 32.77 5.92
N GLU A 35 -8.78 33.25 6.82
CA GLU A 35 -9.93 34.07 6.45
C GLU A 35 -10.95 33.36 5.57
N ILE A 36 -10.99 32.04 5.65
CA ILE A 36 -11.99 31.27 4.92
C ILE A 36 -13.33 31.35 5.67
N ASP A 37 -14.41 31.50 4.90
CA ASP A 37 -15.74 31.55 5.49
C ASP A 37 -16.20 30.13 5.78
N LEU A 38 -16.02 29.71 7.03
CA LEU A 38 -16.39 28.38 7.43
C LEU A 38 -17.88 28.11 7.29
N GLN A 39 -18.69 29.14 7.51
CA GLN A 39 -20.14 28.96 7.40
C GLN A 39 -20.54 28.77 5.95
N LYS A 40 -19.88 29.49 5.05
CA LYS A 40 -20.21 29.40 3.64
C LYS A 40 -19.51 28.18 2.99
N MET A 41 -18.33 27.82 3.51
CA MET A 41 -17.69 26.56 3.11
C MET A 41 -17.14 25.81 4.31
N PRO A 42 -17.97 24.95 4.91
CA PRO A 42 -17.57 24.06 6.01
C PRO A 42 -16.40 23.16 5.61
N LEU A 43 -15.69 22.65 6.61
CA LEU A 43 -14.62 21.69 6.41
C LEU A 43 -15.08 20.53 5.52
N GLY A 44 -16.29 20.05 5.78
CA GLY A 44 -16.85 18.91 5.06
C GLY A 44 -17.17 19.09 3.58
N LYS A 45 -17.16 20.32 3.07
CA LYS A 45 -17.47 20.52 1.66
C LYS A 45 -16.23 20.92 0.86
N LEU A 46 -15.10 21.07 1.55
CA LEU A 46 -13.79 21.20 0.89
C LEU A 46 -13.59 20.07 -0.11
N SER A 47 -13.25 20.38 -1.36
CA SER A 47 -13.02 19.30 -2.31
C SER A 47 -11.77 19.51 -3.16
N LYS A 48 -11.18 18.41 -3.60
CA LYS A 48 -9.99 18.43 -4.43
C LYS A 48 -10.23 19.19 -5.74
N ARG A 49 -11.40 18.96 -6.31
CA ARG A 49 -11.80 19.62 -7.56
C ARG A 49 -11.78 21.16 -7.45
N GLN A 50 -12.37 21.66 -6.38
CA GLN A 50 -12.44 23.09 -6.12
C GLN A 50 -11.05 23.71 -5.89
N ILE A 51 -10.17 22.98 -5.20
CA ILE A 51 -8.84 23.51 -4.91
C ILE A 51 -8.00 23.54 -6.19
N GLN A 52 -8.12 22.48 -6.98
CA GLN A 52 -7.52 22.42 -8.30
C GLN A 52 -7.95 23.58 -9.20
N ALA A 53 -9.25 23.88 -9.21
CA ALA A 53 -9.74 24.99 -10.02
C ALA A 53 -9.27 26.33 -9.45
N ALA A 54 -9.11 26.40 -8.13
CA ALA A 54 -8.63 27.64 -7.52
C ALA A 54 -7.18 27.88 -7.89
N TYR A 55 -6.37 26.82 -7.87
CA TYR A 55 -4.99 26.91 -8.32
C TYR A 55 -4.95 27.49 -9.75
N SER A 56 -5.81 26.96 -10.62
CA SER A 56 -5.84 27.38 -12.02
C SER A 56 -6.18 28.85 -12.17
N ILE A 57 -7.11 29.35 -11.35
CA ILE A 57 -7.42 30.78 -11.36
C ILE A 57 -6.18 31.59 -11.00
N LEU A 58 -5.43 31.12 -9.99
CA LEU A 58 -4.19 31.81 -9.58
C LEU A 58 -3.20 31.83 -10.73
N SER A 59 -3.18 30.77 -11.52
CA SER A 59 -2.30 30.73 -12.69
C SER A 59 -2.79 31.73 -13.76
N GLU A 60 -4.10 31.95 -13.82
CA GLU A 60 -4.63 33.02 -14.67
C GLU A 60 -4.25 34.41 -14.14
N VAL A 61 -4.26 34.59 -12.81
CA VAL A 61 -3.84 35.86 -12.26
C VAL A 61 -2.35 36.07 -12.56
N GLN A 62 -1.58 35.01 -12.41
CA GLN A 62 -0.15 35.04 -12.74
C GLN A 62 0.09 35.56 -14.15
N GLN A 63 -0.67 35.06 -15.10
CA GLN A 63 -0.45 35.45 -16.48
CA GLN A 63 -0.52 35.43 -16.51
C GLN A 63 -1.01 36.85 -16.74
N ALA A 64 -2.12 37.19 -16.11
CA ALA A 64 -2.68 38.53 -16.26
C ALA A 64 -1.69 39.55 -15.73
N VAL A 65 -1.13 39.28 -14.55
CA VAL A 65 -0.18 40.21 -13.96
C VAL A 65 1.04 40.47 -14.86
N SER A 66 1.59 39.42 -15.46
CA SER A 66 2.79 39.59 -16.29
C SER A 66 2.52 40.35 -17.60
N GLN A 67 1.27 40.36 -18.05
CA GLN A 67 0.91 41.19 -19.21
C GLN A 67 0.53 42.63 -18.82
N SER A 69 -2.21 44.18 -17.49
CA SER A 69 -3.58 43.73 -17.36
C SER A 69 -4.51 44.64 -16.55
N SER A 70 -5.76 44.76 -17.00
CA SER A 70 -6.69 45.77 -16.53
C SER A 70 -7.32 45.49 -15.16
N ASP A 71 -7.84 46.57 -14.57
CA ASP A 71 -8.50 46.53 -13.27
C ASP A 71 -9.72 45.61 -13.27
N SER A 72 -10.43 45.53 -14.40
CA SER A 72 -11.69 44.81 -14.44
C SER A 72 -11.49 43.30 -14.68
N GLN A 73 -10.44 42.92 -15.39
CA GLN A 73 -10.18 41.49 -15.48
C GLN A 73 -9.51 41.00 -14.20
N ILE A 74 -8.81 41.89 -13.50
CA ILE A 74 -8.31 41.56 -12.16
C ILE A 74 -9.48 41.36 -11.21
N LEU A 75 -10.45 42.27 -11.28
CA LEU A 75 -11.66 42.20 -10.48
C LEU A 75 -12.42 40.88 -10.70
N ASP A 76 -12.60 40.51 -11.96
CA ASP A 76 -13.32 39.27 -12.25
C ASP A 76 -12.56 38.01 -11.81
N LEU A 77 -11.26 37.96 -12.03
CA LEU A 77 -10.48 36.81 -11.57
C LEU A 77 -10.60 36.71 -10.05
N SER A 78 -10.55 37.87 -9.40
CA SER A 78 -10.62 37.90 -7.96
C SER A 78 -11.97 37.38 -7.50
N ASN A 79 -13.01 37.82 -8.19
CA ASN A 79 -14.36 37.40 -7.84
C ASN A 79 -14.55 35.91 -8.14
N ARG A 80 -13.96 35.44 -9.23
CA ARG A 80 -13.98 34.01 -9.55
C ARG A 80 -13.29 33.20 -8.45
N PHE A 81 -12.14 33.68 -8.00
CA PHE A 81 -11.42 32.97 -6.94
C PHE A 81 -12.27 32.90 -5.67
N TYR A 82 -12.80 34.05 -5.22
CA TYR A 82 -13.51 34.11 -3.94
C TYR A 82 -14.85 33.38 -4.00
N THR A 83 -15.40 33.24 -5.20
CA THR A 83 -16.64 32.49 -5.37
C THR A 83 -16.37 31.00 -5.09
N LEU A 84 -15.25 30.53 -5.62
CA LEU A 84 -14.83 29.16 -5.47
C LEU A 84 -14.39 28.86 -4.05
N ILE A 85 -13.59 29.77 -3.49
CA ILE A 85 -13.14 29.67 -2.10
C ILE A 85 -13.62 30.87 -1.32
N PRO A 86 -14.83 30.80 -0.76
CA PRO A 86 -15.39 31.92 -0.02
C PRO A 86 -14.53 32.35 1.16
N HIS A 87 -14.21 33.63 1.22
CA HIS A 87 -13.51 34.19 2.36
C HIS A 87 -14.43 35.06 3.22
N ASP A 88 -14.06 35.27 4.48
CA ASP A 88 -14.77 36.24 5.29
C ASP A 88 -13.86 37.41 5.60
N PHE A 89 -14.13 38.56 4.98
CA PHE A 89 -13.29 39.73 5.17
C PHE A 89 -13.90 40.73 6.13
N GLY A 90 -14.95 40.31 6.85
CA GLY A 90 -15.57 41.18 7.82
C GLY A 90 -16.08 42.44 7.16
N MET A 91 -15.71 43.58 7.70
CA MET A 91 -16.18 44.83 7.15
C MET A 91 -15.23 45.44 6.11
N LYS A 92 -14.26 44.66 5.64
CA LYS A 92 -13.33 45.15 4.61
C LYS A 92 -13.83 44.80 3.22
N LYS A 93 -13.53 45.65 2.25
CA LYS A 93 -13.70 45.29 0.84
C LYS A 93 -12.79 44.08 0.55
N PRO A 94 -13.31 43.09 -0.19
CA PRO A 94 -12.47 41.92 -0.55
C PRO A 94 -11.26 42.34 -1.39
N PRO A 95 -10.04 42.00 -0.93
CA PRO A 95 -8.81 42.45 -1.61
C PRO A 95 -8.67 41.85 -2.99
N LEU A 96 -8.33 42.66 -3.98
CA LEU A 96 -8.12 42.16 -5.34
C LEU A 96 -6.85 41.33 -5.39
N LEU A 97 -6.81 40.34 -6.27
CA LEU A 97 -5.60 39.54 -6.47
C LEU A 97 -4.79 40.23 -7.56
N ASN A 98 -3.94 41.18 -7.17
CA ASN A 98 -3.45 42.17 -8.10
C ASN A 98 -1.97 42.04 -8.45
N ASN A 99 -1.22 41.27 -7.69
CA ASN A 99 0.21 41.16 -7.94
C ASN A 99 0.79 39.83 -7.49
N ALA A 100 2.09 39.64 -7.67
CA ALA A 100 2.75 38.37 -7.33
C ALA A 100 2.57 38.07 -5.85
N ASP A 101 2.53 39.09 -5.02
CA ASP A 101 2.37 38.89 -3.58
C ASP A 101 1.07 38.17 -3.27
N SER A 102 0.01 38.53 -4.00
CA SER A 102 -1.28 37.92 -3.65
C SER A 102 -1.31 36.51 -4.20
N VAL A 103 -0.65 36.29 -5.34
CA VAL A 103 -0.54 34.94 -5.91
C VAL A 103 0.16 33.97 -4.96
N GLN A 104 1.27 34.43 -4.38
CA GLN A 104 2.02 33.60 -3.42
C GLN A 104 1.20 33.31 -2.18
N ALA A 105 0.56 34.35 -1.64
CA ALA A 105 -0.25 34.19 -0.43
C ALA A 105 -1.42 33.20 -0.68
N LYS A 106 -2.08 33.29 -1.82
CA LYS A 106 -3.18 32.37 -2.06
C LYS A 106 -2.67 30.92 -2.35
N VAL A 107 -1.54 30.80 -3.06
CA VAL A 107 -0.98 29.50 -3.39
C VAL A 107 -0.57 28.76 -2.11
N GLU A 108 0.04 29.47 -1.19
CA GLU A 108 0.39 28.88 0.10
C GLU A 108 -0.86 28.42 0.87
N MET A 109 -1.89 29.26 0.91
CA MET A 109 -3.13 28.83 1.55
C MET A 109 -3.76 27.60 0.88
N LEU A 110 -3.82 27.59 -0.45
CA LEU A 110 -4.30 26.40 -1.14
C LEU A 110 -3.47 25.15 -0.80
N ASP A 111 -2.13 25.29 -0.69
CA ASP A 111 -1.28 24.15 -0.32
C ASP A 111 -1.78 23.55 0.99
N ASN A 112 -2.10 24.43 1.93
CA ASN A 112 -2.56 23.97 3.23
C ASN A 112 -3.99 23.41 3.15
N LEU A 113 -4.86 24.05 2.37
CA LEU A 113 -6.22 23.52 2.21
C LEU A 113 -6.18 22.12 1.63
N LEU A 114 -5.29 21.91 0.66
CA LEU A 114 -5.17 20.62 0.01
C LEU A 114 -4.85 19.54 1.03
N ASP A 115 -3.89 19.84 1.92
CA ASP A 115 -3.51 18.88 2.95
C ASP A 115 -4.62 18.67 3.97
N ILE A 116 -5.40 19.71 4.23
CA ILE A 116 -6.50 19.59 5.18
C ILE A 116 -7.59 18.73 4.56
N GLU A 117 -7.81 18.88 3.25
CA GLU A 117 -8.82 18.08 2.58
C GLU A 117 -8.39 16.61 2.62
N VAL A 118 -7.11 16.35 2.40
CA VAL A 118 -6.64 14.97 2.46
C VAL A 118 -6.89 14.38 3.86
N ALA A 119 -6.52 15.12 4.91
CA ALA A 119 -6.78 14.65 6.28
C ALA A 119 -8.25 14.35 6.54
N TYR A 120 -9.13 15.28 6.17
CA TYR A 120 -10.55 15.10 6.46
C TYR A 120 -11.12 13.96 5.66
N SER A 121 -10.64 13.78 4.43
CA SER A 121 -11.09 12.67 3.60
C SER A 121 -10.68 11.34 4.22
N LEU A 122 -9.54 11.32 4.90
CA LEU A 122 -9.12 10.08 5.57
C LEU A 122 -10.10 9.71 6.68
N LEU A 123 -10.48 10.70 7.48
CA LEU A 123 -11.49 10.52 8.52
C LEU A 123 -12.86 10.14 7.94
N ARG A 124 -12.96 10.22 6.61
CA ARG A 124 -14.16 9.91 5.84
C ARG A 124 -15.27 10.89 6.14
N SER A 130 -17.86 -0.29 16.17
CA SER A 130 -16.73 -0.17 17.08
C SER A 130 -15.76 -1.35 16.93
N SER A 131 -15.24 -1.51 15.72
CA SER A 131 -14.26 -2.55 15.42
C SER A 131 -13.03 -2.46 16.34
N LYS A 132 -12.49 -1.25 16.47
CA LYS A 132 -11.33 -1.01 17.32
C LYS A 132 -11.39 0.41 17.89
N ASP A 133 -10.43 0.74 18.76
CA ASP A 133 -10.23 2.11 19.23
C ASP A 133 -10.12 3.03 18.01
N PRO A 134 -10.82 4.18 18.04
CA PRO A 134 -10.65 5.22 17.02
C PRO A 134 -9.19 5.58 16.76
N ILE A 135 -8.35 5.52 17.80
CA ILE A 135 -6.93 5.84 17.65
C ILE A 135 -6.23 4.90 16.68
N ASP A 136 -6.47 3.59 16.87
CA ASP A 136 -5.88 2.56 16.04
C ASP A 136 -6.36 2.65 14.60
N VAL A 137 -7.65 2.90 14.41
CA VAL A 137 -8.21 3.04 13.07
C VAL A 137 -7.54 4.18 12.31
N ASN A 138 -7.46 5.34 12.94
CA ASN A 138 -6.83 6.49 12.33
C ASN A 138 -5.34 6.27 12.09
N TYR A 139 -4.65 5.65 13.04
CA TYR A 139 -3.24 5.31 12.83
C TYR A 139 -3.08 4.48 11.56
N GLU A 140 -3.93 3.47 11.42
CA GLU A 140 -3.88 2.56 10.28
C GLU A 140 -4.13 3.31 8.97
N LYS A 141 -4.97 4.33 9.02
CA LYS A 141 -5.24 5.12 7.82
C LYS A 141 -4.00 5.84 7.30
N LEU A 142 -3.00 6.04 8.17
CA LEU A 142 -1.81 6.77 7.78
C LEU A 142 -0.83 5.92 6.96
N LYS A 143 -1.02 4.60 6.98
CA LYS A 143 -0.12 3.65 6.31
C LYS A 143 1.34 4.02 6.55
N THR A 144 1.65 4.27 7.81
CA THR A 144 2.99 4.65 8.22
C THR A 144 3.34 3.95 9.51
N ASP A 145 4.50 3.33 9.55
CA ASP A 145 4.98 2.78 10.80
C ASP A 145 5.58 3.90 11.64
N ILE A 146 5.00 4.12 12.82
CA ILE A 146 5.49 5.16 13.71
C ILE A 146 5.98 4.53 14.99
N LYS A 147 7.27 4.66 15.29
CA LYS A 147 7.80 4.11 16.54
C LYS A 147 8.37 5.23 17.38
N VAL A 148 8.31 5.08 18.70
CA VAL A 148 8.90 6.06 19.59
C VAL A 148 10.41 5.83 19.62
N VAL A 149 11.20 6.88 19.41
CA VAL A 149 12.66 6.75 19.57
C VAL A 149 13.01 6.92 21.04
N ASP A 150 13.77 5.98 21.60
CA ASP A 150 14.16 6.05 23.01
C ASP A 150 15.03 7.29 23.25
N ARG A 151 14.62 8.10 24.23
CA ARG A 151 15.30 9.36 24.53
C ARG A 151 16.79 9.16 24.88
N ASP A 152 17.16 7.95 25.26
CA ASP A 152 18.55 7.67 25.64
C ASP A 152 19.42 7.08 24.54
N SER A 153 18.85 6.91 23.34
CA SER A 153 19.57 6.31 22.23
C SER A 153 20.57 7.28 21.63
N GLU A 154 21.48 6.75 20.81
CA GLU A 154 22.41 7.61 20.08
C GLU A 154 21.61 8.49 19.13
N GLU A 155 20.63 7.86 18.47
CA GLU A 155 19.63 8.52 17.62
C GLU A 155 19.07 9.81 18.22
N ALA A 156 18.48 9.68 19.41
CA ALA A 156 17.86 10.82 20.06
C ALA A 156 18.91 11.90 20.37
N GLU A 157 20.09 11.47 20.80
CA GLU A 157 21.22 12.37 21.07
C GLU A 157 21.62 13.22 19.87
N ILE A 158 21.85 12.55 18.75
CA ILE A 158 22.20 13.23 17.50
C ILE A 158 21.11 14.24 17.11
N ILE A 159 19.86 13.80 17.19
CA ILE A 159 18.75 14.63 16.76
C ILE A 159 18.58 15.83 17.69
N ARG A 160 18.74 15.63 19.00
CA ARG A 160 18.70 16.75 19.93
C ARG A 160 19.85 17.72 19.68
N LYS A 161 21.01 17.21 19.30
CA LYS A 161 22.15 18.07 18.98
C LYS A 161 21.86 18.89 17.74
N TYR A 162 21.35 18.23 16.72
CA TYR A 162 20.96 18.91 15.49
C TYR A 162 19.98 20.04 15.83
N VAL A 163 18.98 19.75 16.65
CA VAL A 163 18.03 20.78 17.07
C VAL A 163 18.70 21.91 17.85
N LYS A 164 19.39 21.57 18.93
CA LYS A 164 20.03 22.57 19.79
C LYS A 164 20.97 23.49 19.02
N ASN A 165 21.86 22.89 18.23
CA ASN A 165 22.92 23.62 17.53
C ASN A 165 22.42 24.54 16.41
N THR A 166 21.38 24.10 15.69
CA THR A 166 20.91 24.90 14.57
C THR A 166 19.67 25.71 14.98
N HIS A 167 19.50 25.87 16.29
CA HIS A 167 18.44 26.75 16.78
C HIS A 167 18.91 28.21 16.76
N ALA A 173 13.56 34.21 19.17
CA ALA A 173 12.47 34.67 20.02
C ALA A 173 11.95 33.53 20.90
N TYR A 174 11.58 32.42 20.27
CA TYR A 174 11.27 31.19 20.98
C TYR A 174 12.56 30.44 21.26
N ASP A 175 12.53 29.55 22.26
CA ASP A 175 13.59 28.57 22.39
C ASP A 175 12.99 27.17 22.39
N LEU A 176 13.73 26.23 21.80
CA LEU A 176 13.17 24.96 21.35
C LEU A 176 13.47 23.77 22.26
N GLU A 177 12.44 23.00 22.58
CA GLU A 177 12.57 21.77 23.36
C GLU A 177 11.95 20.56 22.66
N VAL A 178 12.70 19.47 22.56
CA VAL A 178 12.21 18.27 21.92
C VAL A 178 11.38 17.42 22.86
N ILE A 179 10.10 17.25 22.56
CA ILE A 179 9.22 16.48 23.44
C ILE A 179 9.26 14.99 23.09
N ASP A 180 8.94 14.68 21.85
CA ASP A 180 8.96 13.30 21.38
C ASP A 180 9.70 13.21 20.04
N ILE A 181 10.43 12.12 19.85
CA ILE A 181 11.00 11.79 18.57
C ILE A 181 10.36 10.49 18.09
N PHE A 182 9.84 10.51 16.86
CA PHE A 182 9.24 9.31 16.28
C PHE A 182 10.06 8.88 15.08
N LYS A 183 10.30 7.57 14.98
CA LYS A 183 10.92 7.04 13.79
C LYS A 183 9.75 6.68 12.88
N ILE A 184 9.77 7.15 11.63
CA ILE A 184 8.66 6.90 10.73
C ILE A 184 9.11 6.24 9.44
N GLU A 185 8.28 5.31 8.98
CA GLU A 185 8.51 4.60 7.74
C GLU A 185 7.19 4.50 7.01
N ARG A 186 7.04 5.31 5.96
CA ARG A 186 5.85 5.26 5.15
C ARG A 186 5.87 4.01 4.25
N GLU A 187 4.73 3.32 4.17
CA GLU A 187 4.64 2.15 3.31
C GLU A 187 5.05 2.48 1.89
N GLY A 188 5.94 1.67 1.32
CA GLY A 188 6.32 1.83 -0.06
C GLY A 188 7.44 2.81 -0.29
N GLU A 189 7.73 3.67 0.69
CA GLU A 189 8.63 4.79 0.40
C GLU A 189 10.11 4.39 0.39
N CYS A 190 10.49 3.39 1.17
CA CYS A 190 11.87 2.89 1.15
C CYS A 190 12.26 2.36 -0.25
N GLN A 191 11.35 1.60 -0.84
CA GLN A 191 11.56 1.07 -2.18
C GLN A 191 11.60 2.19 -3.20
N ARG A 192 10.74 3.20 -3.04
CA ARG A 192 10.71 4.32 -3.99
C ARG A 192 12.01 5.11 -3.91
N TYR A 193 12.55 5.27 -2.72
CA TYR A 193 13.73 6.11 -2.53
C TYR A 193 15.02 5.38 -2.91
N LYS A 194 14.98 4.06 -2.80
CA LYS A 194 16.17 3.22 -2.90
C LYS A 194 17.10 3.53 -4.09
N PRO A 195 16.56 3.66 -5.33
CA PRO A 195 17.48 3.97 -6.43
C PRO A 195 18.27 5.25 -6.24
N PHE A 196 17.71 6.22 -5.50
CA PHE A 196 18.40 7.48 -5.30
C PHE A 196 19.52 7.35 -4.25
N LYS A 197 19.57 6.22 -3.55
CA LYS A 197 20.71 5.98 -2.66
C LYS A 197 21.97 5.80 -3.50
N GLN A 198 21.79 5.53 -4.79
CA GLN A 198 22.90 5.50 -5.74
C GLN A 198 23.40 6.93 -6.02
N LEU A 199 22.59 7.91 -5.69
CA LEU A 199 22.88 9.29 -6.07
C LEU A 199 23.75 9.90 -4.98
N HIS A 200 24.71 10.75 -5.33
N HIS A 200 24.69 10.76 -5.37
CA HIS A 200 25.58 11.26 -4.27
CA HIS A 200 25.61 11.37 -4.41
C HIS A 200 24.94 12.47 -3.61
C HIS A 200 24.93 12.48 -3.62
N ASN A 201 25.62 12.96 -2.57
CA ASN A 201 25.18 14.14 -1.83
C ASN A 201 23.79 13.98 -1.21
N ARG A 202 23.69 13.01 -0.30
CA ARG A 202 22.47 12.77 0.43
C ARG A 202 22.62 13.42 1.81
N ARG A 203 21.58 14.14 2.22
CA ARG A 203 21.61 14.93 3.45
C ARG A 203 20.34 14.73 4.28
N LEU A 204 20.52 14.74 5.58
CA LEU A 204 19.43 14.67 6.54
C LEU A 204 18.97 16.10 6.80
N LEU A 205 17.76 16.44 6.36
CA LEU A 205 17.31 17.83 6.43
C LEU A 205 15.92 18.02 7.05
N TRP A 206 15.65 19.26 7.47
CA TRP A 206 14.44 19.63 8.16
C TRP A 206 13.35 20.03 7.18
N HIS A 207 12.12 19.58 7.45
CA HIS A 207 10.94 20.10 6.79
C HIS A 207 9.85 20.37 7.81
N GLY A 208 9.54 21.65 8.02
CA GLY A 208 8.49 22.03 8.93
C GLY A 208 7.16 22.23 8.22
N SER A 209 6.06 22.09 8.94
CA SER A 209 4.75 22.31 8.37
C SER A 209 3.74 22.51 9.47
N ARG A 210 2.57 23.03 9.14
CA ARG A 210 1.49 23.12 10.12
C ARG A 210 1.05 21.73 10.57
N THR A 211 0.65 21.63 11.83
CA THR A 211 0.22 20.35 12.36
C THR A 211 -0.94 19.76 11.58
N THR A 212 -1.82 20.63 11.06
CA THR A 212 -2.99 20.19 10.29
C THR A 212 -2.62 19.57 8.93
N ASN A 213 -1.34 19.60 8.58
CA ASN A 213 -0.90 19.02 7.32
C ASN A 213 -0.31 17.63 7.43
N PHE A 214 -0.10 17.17 8.66
CA PHE A 214 0.74 15.98 8.80
C PHE A 214 0.03 14.66 8.53
N ALA A 215 -1.31 14.62 8.66
CA ALA A 215 -2.02 13.43 8.27
C ALA A 215 -1.81 13.22 6.76
N GLY A 216 -1.93 14.31 6.01
CA GLY A 216 -1.71 14.29 4.56
C GLY A 216 -0.29 13.92 4.20
N ILE A 217 0.66 14.48 4.95
CA ILE A 217 2.08 14.21 4.71
C ILE A 217 2.46 12.77 5.02
N LEU A 218 1.96 12.21 6.12
CA LEU A 218 2.27 10.81 6.40
C LEU A 218 1.54 9.85 5.43
N SER A 219 0.30 10.12 5.06
CA SER A 219 -0.37 9.15 4.18
C SER A 219 0.15 9.21 2.73
N GLN A 220 0.50 10.40 2.25
CA GLN A 220 0.87 10.57 0.84
C GLN A 220 2.34 10.92 0.62
N GLY A 221 3.05 11.24 1.70
CA GLY A 221 4.40 11.73 1.61
C GLY A 221 4.43 13.21 1.25
N LEU A 222 5.61 13.80 1.24
CA LEU A 222 5.79 15.16 0.76
C LEU A 222 5.51 15.20 -0.74
N ARG A 223 4.73 16.18 -1.17
CA ARG A 223 4.31 16.27 -2.55
C ARG A 223 4.58 17.65 -3.08
N ILE A 224 4.56 17.76 -4.40
CA ILE A 224 4.82 19.03 -5.07
C ILE A 224 3.49 19.67 -5.43
N ALA A 225 3.45 21.00 -5.43
CA ALA A 225 2.29 21.70 -5.96
C ALA A 225 2.00 21.24 -7.41
N PRO A 226 0.71 21.11 -7.76
CA PRO A 226 0.27 20.59 -9.07
C PRO A 226 0.59 21.48 -10.28
N PRO A 227 0.45 20.90 -11.49
CA PRO A 227 0.69 21.65 -12.72
C PRO A 227 -0.07 22.96 -12.77
N GLU A 228 -1.30 22.99 -12.27
CA GLU A 228 -2.11 24.19 -12.38
C GLU A 228 -1.77 25.23 -11.31
N ALA A 229 -0.97 24.85 -10.32
CA ALA A 229 -0.52 25.84 -9.35
C ALA A 229 0.47 26.80 -10.02
N PRO A 230 0.43 28.07 -9.63
CA PRO A 230 1.26 29.05 -10.33
C PRO A 230 2.73 28.94 -9.92
N VAL A 231 3.64 28.84 -10.88
CA VAL A 231 5.05 28.69 -10.52
C VAL A 231 5.58 29.92 -9.75
N THR A 232 5.02 31.09 -10.03
CA THR A 232 5.47 32.33 -9.41
C THR A 232 5.02 32.38 -7.95
N GLY A 233 4.22 31.42 -7.54
CA GLY A 233 3.75 31.38 -6.17
C GLY A 233 4.75 30.77 -5.20
N TYR A 234 5.89 30.31 -5.72
CA TYR A 234 6.85 29.54 -4.93
C TYR A 234 8.25 30.10 -5.17
N MET A 235 8.94 30.42 -4.08
CA MET A 235 10.22 31.11 -4.11
C MET A 235 11.24 30.45 -5.06
N PHE A 236 11.27 29.11 -5.08
CA PHE A 236 12.16 28.40 -5.97
C PHE A 236 11.39 27.43 -6.88
N GLY A 237 10.17 27.86 -7.23
CA GLY A 237 9.31 27.05 -8.07
C GLY A 237 8.74 25.87 -7.29
N LYS A 238 8.09 24.98 -8.03
CA LYS A 238 7.31 23.95 -7.42
C LYS A 238 8.13 22.69 -7.16
N GLY A 239 8.65 22.59 -5.94
CA GLY A 239 9.41 21.42 -5.56
C GLY A 239 9.13 21.15 -4.10
N ILE A 240 9.98 20.36 -3.46
CA ILE A 240 9.84 20.06 -2.04
C ILE A 240 11.03 20.72 -1.32
N TYR A 241 10.71 21.48 -0.27
CA TYR A 241 11.63 22.42 0.36
C TYR A 241 12.13 21.91 1.71
N PHE A 242 13.41 22.11 1.97
CA PHE A 242 14.06 21.68 3.21
C PHE A 242 15.02 22.76 3.72
N ALA A 243 15.38 22.66 5.00
CA ALA A 243 16.36 23.54 5.62
C ALA A 243 17.40 22.69 6.36
N ASP A 244 18.60 23.25 6.58
CA ASP A 244 19.59 22.54 7.40
C ASP A 244 19.64 23.12 8.80
N MET A 245 18.76 24.07 9.10
CA MET A 245 18.67 24.64 10.44
C MET A 245 17.22 24.65 10.90
N VAL A 246 17.03 24.13 12.11
CA VAL A 246 15.70 23.83 12.61
C VAL A 246 14.88 25.12 12.80
N SER A 247 15.55 26.23 13.08
CA SER A 247 14.85 27.50 13.29
C SER A 247 14.26 28.05 11.98
N LYS A 248 14.93 27.79 10.86
CA LYS A 248 14.34 28.12 9.57
C LYS A 248 13.03 27.35 9.43
N SER A 249 13.11 26.02 9.57
CA SER A 249 11.96 25.16 9.37
C SER A 249 10.87 25.32 10.42
N ALA A 250 11.25 25.78 11.60
CA ALA A 250 10.30 26.00 12.69
C ALA A 250 9.30 27.12 12.36
N ASN A 251 9.72 28.06 11.51
CA ASN A 251 8.85 29.14 11.06
C ASN A 251 7.60 28.62 10.32
N TYR A 252 7.77 27.48 9.63
CA TYR A 252 6.70 26.89 8.82
C TYR A 252 5.71 26.06 9.65
N CYS A 253 6.00 25.91 10.95
CA CYS A 253 5.06 25.29 11.89
C CYS A 253 3.93 26.26 12.27
N HIS A 254 4.21 27.56 12.17
CA HIS A 254 3.26 28.62 12.50
C HIS A 254 2.67 28.43 13.89
N THR A 255 3.57 28.16 14.85
CA THR A 255 3.21 28.02 16.24
C THR A 255 2.97 29.35 16.90
N SER A 256 2.29 29.31 18.02
CA SER A 256 1.94 30.51 18.76
C SER A 256 1.90 30.24 20.23
N GLN A 257 2.12 31.28 21.01
CA GLN A 257 2.03 31.19 22.46
C GLN A 257 0.78 30.44 22.85
N GLY A 258 -0.34 30.81 22.26
CA GLY A 258 -1.61 30.22 22.61
C GLY A 258 -1.62 28.72 22.42
N ASP A 259 -0.66 28.23 21.66
CA ASP A 259 -0.57 26.81 21.29
C ASP A 259 0.88 26.55 20.94
N PRO A 260 1.69 26.09 21.99
CA PRO A 260 3.13 26.15 21.71
C PRO A 260 3.74 24.86 21.23
N ILE A 261 3.00 24.08 20.50
CA ILE A 261 3.47 22.78 20.05
C ILE A 261 3.50 22.68 18.53
N GLY A 262 4.65 22.30 17.98
CA GLY A 262 4.80 22.09 16.55
C GLY A 262 5.38 20.74 16.19
N LEU A 263 5.21 20.37 14.92
CA LEU A 263 5.77 19.12 14.43
C LEU A 263 6.71 19.43 13.29
N ILE A 264 7.81 18.71 13.23
CA ILE A 264 8.80 18.94 12.20
C ILE A 264 9.38 17.62 11.73
N LEU A 265 9.60 17.51 10.42
CA LEU A 265 10.19 16.30 9.85
C LEU A 265 11.72 16.38 9.71
N LEU A 266 12.34 15.22 9.85
CA LEU A 266 13.69 15.00 9.37
C LEU A 266 13.58 14.08 8.17
N GLY A 267 14.17 14.49 7.05
CA GLY A 267 14.15 13.66 5.86
C GLY A 267 15.53 13.54 5.25
N GLU A 268 15.79 12.37 4.69
CA GLU A 268 16.99 12.16 3.90
C GLU A 268 16.62 12.59 2.49
N VAL A 269 17.44 13.47 1.93
CA VAL A 269 17.16 14.04 0.63
C VAL A 269 18.35 13.77 -0.28
N ALA A 270 18.09 13.15 -1.42
CA ALA A 270 19.15 12.84 -2.35
C ALA A 270 19.32 14.04 -3.28
N LEU A 271 20.29 14.88 -2.98
CA LEU A 271 20.39 16.19 -3.63
C LEU A 271 21.14 16.15 -4.97
N GLY A 272 22.08 15.22 -5.09
CA GLY A 272 22.91 15.11 -6.28
C GLY A 272 23.60 16.43 -6.61
N ASN A 273 23.66 16.79 -7.89
CA ASN A 273 24.26 18.05 -8.30
C ASN A 273 23.35 19.25 -7.98
N MET A 274 23.80 20.10 -7.06
CA MET A 274 23.06 21.27 -6.61
C MET A 274 23.24 22.49 -7.51
N TYR A 275 22.12 23.04 -7.95
CA TYR A 275 22.09 24.33 -8.64
C TYR A 275 22.03 25.42 -7.56
N GLU A 276 23.13 26.13 -7.37
CA GLU A 276 23.24 27.06 -6.24
C GLU A 276 22.76 28.47 -6.60
N LEU A 277 21.75 28.96 -5.88
CA LEU A 277 21.16 30.28 -6.15
C LEU A 277 21.29 31.22 -4.94
N LYS A 278 21.25 32.53 -5.22
CA LYS A 278 21.42 33.53 -4.19
C LYS A 278 20.18 34.41 -4.03
N HIS A 279 19.20 34.19 -4.91
CA HIS A 279 17.96 34.96 -4.86
C HIS A 279 16.86 34.03 -5.33
N ALA A 280 15.61 34.43 -5.03
CA ALA A 280 14.46 33.68 -5.45
C ALA A 280 14.47 33.53 -6.96
N SER A 281 14.05 32.36 -7.43
CA SER A 281 13.99 32.09 -8.85
C SER A 281 12.91 31.07 -9.13
N HIS A 282 11.89 31.45 -9.89
CA HIS A 282 10.73 30.58 -10.06
C HIS A 282 10.98 29.50 -11.11
N ILE A 283 11.85 28.56 -10.74
CA ILE A 283 12.28 27.47 -11.62
C ILE A 283 11.12 26.62 -12.11
N SER A 284 11.09 26.39 -13.42
CA SER A 284 10.17 25.41 -14.00
C SER A 284 10.91 24.08 -14.18
N LYS A 285 12.20 24.15 -14.49
CA LYS A 285 13.02 22.97 -14.76
C LYS A 285 14.47 23.23 -14.38
N LEU A 286 15.11 22.29 -13.69
CA LEU A 286 16.52 22.43 -13.36
C LEU A 286 17.34 22.53 -14.63
N PRO A 287 18.52 23.18 -14.54
CA PRO A 287 19.47 23.12 -15.64
C PRO A 287 19.92 21.68 -15.86
N LYS A 288 20.28 21.36 -17.10
CA LYS A 288 20.74 20.00 -17.42
C LYS A 288 21.86 19.58 -16.48
N GLY A 289 21.71 18.40 -15.88
CA GLY A 289 22.75 17.85 -15.04
C GLY A 289 22.58 18.18 -13.56
N LYS A 290 21.64 19.07 -13.24
CA LYS A 290 21.35 19.43 -11.84
C LYS A 290 20.20 18.61 -11.32
N HIS A 291 20.23 18.29 -10.02
CA HIS A 291 19.20 17.46 -9.40
C HIS A 291 18.47 18.15 -8.27
N SER A 292 18.96 19.32 -7.87
CA SER A 292 18.32 20.08 -6.79
C SER A 292 18.77 21.53 -6.85
N VAL A 293 18.05 22.38 -6.12
CA VAL A 293 18.49 23.75 -5.88
C VAL A 293 19.01 23.85 -4.45
N LYS A 294 20.15 24.51 -4.27
CA LYS A 294 20.54 25.03 -2.97
C LYS A 294 20.48 26.55 -2.94
N GLY A 295 19.59 27.09 -2.10
CA GLY A 295 19.55 28.52 -1.85
C GLY A 295 20.63 28.81 -0.81
N LEU A 296 21.56 29.70 -1.15
CA LEU A 296 22.72 29.94 -0.27
C LEU A 296 22.42 30.99 0.78
N GLY A 297 22.47 30.60 2.05
CA GLY A 297 22.16 31.52 3.14
C GLY A 297 23.35 32.28 3.70
N LYS A 298 23.06 33.35 4.45
CA LYS A 298 24.09 34.10 5.18
C LYS A 298 24.66 33.25 6.31
N THR A 299 23.83 32.38 6.87
CA THR A 299 24.21 31.53 8.00
C THR A 299 24.14 30.04 7.63
N THR A 300 25.08 29.26 8.13
CA THR A 300 25.16 27.86 7.77
C THR A 300 25.74 27.05 8.93
N PRO A 301 25.30 25.79 9.09
CA PRO A 301 25.95 24.94 10.09
C PRO A 301 27.45 24.84 9.84
N ASP A 302 28.23 24.98 10.91
CA ASP A 302 29.69 24.87 10.82
C ASP A 302 30.08 23.55 10.15
N PRO A 303 30.60 23.63 8.92
CA PRO A 303 30.93 22.46 8.08
C PRO A 303 31.90 21.53 8.78
N SER A 304 32.71 22.12 9.67
CA SER A 304 33.63 21.40 10.52
C SER A 304 32.98 20.29 11.36
N ALA A 305 31.74 20.50 11.78
CA ALA A 305 31.09 19.58 12.69
C ALA A 305 30.08 18.68 11.98
N ASN A 306 30.12 18.64 10.65
CA ASN A 306 29.25 17.72 9.93
C ASN A 306 29.64 16.29 10.27
N ILE A 307 28.64 15.42 10.41
CA ILE A 307 28.95 14.01 10.56
C ILE A 307 28.28 13.27 9.43
N SER A 308 28.78 12.07 9.16
CA SER A 308 28.21 11.24 8.12
C SER A 308 27.61 9.98 8.74
N LEU A 309 26.34 9.71 8.42
CA LEU A 309 25.67 8.49 8.85
C LEU A 309 25.41 7.61 7.64
N ASP A 310 26.26 6.61 7.48
CA ASP A 310 26.29 5.75 6.28
C ASP A 310 26.08 6.51 4.98
N GLY A 311 27.00 7.41 4.65
CA GLY A 311 26.91 8.17 3.41
C GLY A 311 25.89 9.30 3.42
N VAL A 312 25.24 9.52 4.55
CA VAL A 312 24.30 10.63 4.67
C VAL A 312 24.87 11.74 5.57
N ASP A 313 25.02 12.94 5.02
CA ASP A 313 25.54 14.07 5.79
C ASP A 313 24.51 14.65 6.77
N VAL A 314 24.94 14.84 8.01
CA VAL A 314 24.12 15.54 9.01
C VAL A 314 24.88 16.79 9.45
N PRO A 315 24.43 17.96 8.97
CA PRO A 315 25.07 19.25 9.25
C PRO A 315 24.62 19.81 10.59
N LEU A 316 25.08 19.22 11.68
CA LEU A 316 24.58 19.61 12.98
C LEU A 316 25.56 20.55 13.71
N GLY A 317 26.41 21.21 12.94
CA GLY A 317 27.24 22.26 13.50
C GLY A 317 26.41 23.48 13.87
N THR A 318 26.87 24.22 14.87
CA THR A 318 26.22 25.48 15.23
C THR A 318 26.36 26.46 14.07
N GLY A 319 25.42 27.40 13.96
CA GLY A 319 25.43 28.37 12.87
C GLY A 319 26.57 29.37 12.85
N ILE A 320 27.36 29.33 11.77
CA ILE A 320 28.42 30.29 11.54
C ILE A 320 28.13 31.08 10.26
N SER A 321 28.91 32.13 10.04
CA SER A 321 28.78 32.95 8.83
C SER A 321 29.28 32.18 7.58
N SER A 322 28.44 32.09 6.56
CA SER A 322 28.78 31.34 5.35
C SER A 322 29.80 32.05 4.46
N GLY A 323 29.96 33.35 4.66
CA GLY A 323 30.84 34.14 3.82
C GLY A 323 30.37 34.30 2.38
N VAL A 324 29.09 33.99 2.11
CA VAL A 324 28.60 34.10 0.74
C VAL A 324 28.27 35.54 0.40
N ASP A 326 27.05 37.44 -2.25
CA ASP A 326 25.94 38.39 -2.22
C ASP A 326 24.57 37.71 -2.27
N THR A 327 24.00 37.41 -1.09
CA THR A 327 22.74 36.70 -1.00
C THR A 327 21.64 37.45 -0.27
N SER A 328 20.40 37.13 -0.60
CA SER A 328 19.27 37.66 0.14
C SER A 328 18.69 36.67 1.12
N LEU A 329 19.23 35.46 1.16
CA LEU A 329 18.75 34.44 2.07
C LEU A 329 19.49 34.45 3.40
N LEU A 330 18.75 34.30 4.47
CA LEU A 330 19.29 34.21 5.79
C LEU A 330 19.82 32.81 6.06
N TYR A 331 19.09 31.81 5.60
CA TYR A 331 19.45 30.42 5.81
C TYR A 331 19.51 29.66 4.50
N ASN A 332 20.28 28.58 4.48
CA ASN A 332 20.26 27.69 3.33
C ASN A 332 18.87 27.11 3.10
N GLU A 333 18.53 26.87 1.85
CA GLU A 333 17.34 26.12 1.53
C GLU A 333 17.70 25.08 0.51
N TYR A 334 16.98 23.97 0.52
CA TYR A 334 17.27 22.87 -0.39
C TYR A 334 15.97 22.43 -1.03
N ILE A 335 15.94 22.32 -2.35
CA ILE A 335 14.70 22.00 -3.04
C ILE A 335 14.93 20.90 -4.07
N VAL A 336 14.06 19.90 -4.07
CA VAL A 336 14.11 18.87 -5.10
C VAL A 336 12.80 18.88 -5.84
N TYR A 337 12.78 18.35 -7.05
CA TYR A 337 11.64 18.51 -7.94
C TYR A 337 11.05 17.18 -8.41
N ASP A 338 11.54 16.08 -7.83
CA ASP A 338 10.94 14.77 -8.06
C ASP A 338 10.62 14.22 -6.67
N ILE A 339 9.40 13.72 -6.45
CA ILE A 339 9.00 13.33 -5.08
C ILE A 339 9.75 12.12 -4.55
N ALA A 340 10.29 11.30 -5.45
CA ALA A 340 11.00 10.09 -5.03
C ALA A 340 12.39 10.39 -4.46
N GLN A 341 12.86 11.64 -4.57
CA GLN A 341 14.14 12.04 -3.99
C GLN A 341 14.12 12.26 -2.48
N VAL A 342 12.97 11.98 -1.87
CA VAL A 342 12.80 12.25 -0.45
C VAL A 342 12.42 10.98 0.31
N ASN A 343 13.06 10.76 1.45
CA ASN A 343 12.72 9.63 2.34
C ASN A 343 12.56 10.14 3.77
N LEU A 344 11.33 10.16 4.28
CA LEU A 344 11.08 10.70 5.61
C LEU A 344 11.67 9.75 6.65
N LYS A 345 12.40 10.28 7.62
CA LYS A 345 13.05 9.42 8.62
C LYS A 345 12.49 9.61 10.04
N TYR A 346 12.29 10.86 10.43
CA TYR A 346 11.86 11.17 11.79
C TYR A 346 10.82 12.26 11.81
N LEU A 347 9.94 12.19 12.80
CA LEU A 347 8.99 13.25 13.08
C LEU A 347 9.26 13.65 14.52
N LEU A 348 9.45 14.95 14.74
CA LEU A 348 9.67 15.48 16.06
C LEU A 348 8.49 16.31 16.52
N LYS A 349 8.09 16.09 17.76
CA LYS A 349 7.16 16.98 18.44
C LYS A 349 7.98 17.98 19.26
N LEU A 350 7.84 19.26 18.93
CA LEU A 350 8.63 20.30 19.59
C LEU A 350 7.77 21.23 20.44
N LYS A 351 8.34 21.66 21.56
CA LYS A 351 7.75 22.71 22.39
C LYS A 351 8.42 24.06 22.13
N PHE A 352 7.62 25.03 21.71
CA PHE A 352 8.12 26.40 21.52
C PHE A 352 7.94 27.22 22.80
N ASN A 353 9.03 27.53 23.47
CA ASN A 353 8.91 28.25 24.72
C ASN A 353 9.24 29.70 24.54
N PHE A 354 8.21 30.54 24.57
CA PHE A 354 8.35 31.95 24.27
C PHE A 354 8.64 32.83 25.48
N SER B 21 24.89 8.71 -28.89
CA SER B 21 25.49 7.39 -28.69
C SER B 21 25.96 7.17 -27.25
N ILE B 22 26.61 8.17 -26.66
CA ILE B 22 26.90 8.12 -25.23
C ILE B 22 25.60 8.03 -24.41
N PRO B 23 24.56 8.84 -24.76
CA PRO B 23 23.30 8.61 -24.04
C PRO B 23 22.68 7.25 -24.34
N LEU B 24 22.81 6.78 -25.58
CA LEU B 24 22.30 5.46 -25.95
C LEU B 24 22.96 4.38 -25.12
N LEU B 25 24.27 4.47 -24.94
CA LEU B 25 24.99 3.46 -24.17
C LEU B 25 24.61 3.50 -22.70
N TRP B 26 24.39 4.71 -22.19
CA TRP B 26 23.95 4.87 -20.81
C TRP B 26 22.56 4.22 -20.63
N LEU B 27 21.68 4.43 -21.60
CA LEU B 27 20.34 3.84 -21.59
C LEU B 27 20.41 2.31 -21.54
N GLN B 28 21.21 1.75 -22.44
CA GLN B 28 21.44 0.31 -22.54
C GLN B 28 21.89 -0.28 -21.21
N ASN B 29 22.87 0.37 -20.59
CA ASN B 29 23.38 -0.09 -19.30
C ASN B 29 22.31 0.03 -18.21
N CYS B 30 21.50 1.09 -18.27
CA CYS B 30 20.39 1.23 -17.32
C CYS B 30 19.41 0.07 -17.46
N LEU B 31 19.05 -0.25 -18.70
CA LEU B 31 18.12 -1.34 -18.95
C LEU B 31 18.68 -2.68 -18.46
N ILE B 32 19.96 -2.90 -18.70
CA ILE B 32 20.55 -4.18 -18.33
C ILE B 32 20.67 -4.32 -16.81
N ARG B 33 21.09 -3.24 -16.14
CA ARG B 33 21.16 -3.24 -14.68
C ARG B 33 19.79 -3.46 -14.03
N ALA B 34 18.74 -2.86 -14.62
CA ALA B 34 17.39 -3.08 -14.12
C ALA B 34 16.98 -4.54 -14.31
N ALA B 35 17.38 -5.11 -15.44
CA ALA B 35 17.14 -6.53 -15.71
C ALA B 35 17.83 -7.38 -14.65
N ASP B 36 19.10 -7.09 -14.39
CA ASP B 36 19.89 -7.86 -13.43
C ASP B 36 19.29 -7.75 -12.03
N ASP B 37 18.94 -6.53 -11.64
CA ASP B 37 18.37 -6.29 -10.31
C ASP B 37 17.05 -7.02 -10.10
N ARG B 38 16.16 -6.95 -11.09
CA ARG B 38 14.85 -7.61 -10.97
C ARG B 38 14.99 -9.12 -10.89
N GLU B 39 15.92 -9.66 -11.69
CA GLU B 39 16.15 -11.08 -11.75
C GLU B 39 16.73 -11.58 -10.42
N GLU B 40 17.66 -10.81 -9.87
CA GLU B 40 18.32 -11.15 -8.62
C GLU B 40 17.37 -11.00 -7.43
N ASP B 41 16.73 -9.84 -7.32
CA ASP B 41 15.80 -9.56 -6.23
C ASP B 41 14.60 -10.51 -6.21
N GLY B 42 13.96 -10.70 -7.37
CA GLY B 42 12.80 -11.58 -7.44
C GLY B 42 11.49 -10.80 -7.42
N CYS B 43 11.56 -9.54 -7.03
CA CYS B 43 10.42 -8.63 -7.13
C CYS B 43 10.92 -7.40 -7.85
N SER B 44 10.04 -6.67 -8.52
CA SER B 44 10.50 -5.52 -9.29
C SER B 44 9.75 -4.24 -8.95
N GLN B 45 10.49 -3.13 -8.94
CA GLN B 45 9.97 -1.81 -8.64
C GLN B 45 10.25 -0.92 -9.84
N ALA B 46 9.51 0.17 -9.97
CA ALA B 46 9.82 1.16 -10.99
C ALA B 46 11.20 1.76 -10.72
N VAL B 47 11.98 1.92 -11.78
CA VAL B 47 13.32 2.49 -11.71
C VAL B 47 13.38 3.81 -12.44
N PRO B 48 13.84 4.88 -11.76
CA PRO B 48 14.03 6.15 -12.47
C PRO B 48 15.25 6.08 -13.38
N LEU B 49 15.23 6.76 -14.53
CA LEU B 49 16.43 7.01 -15.28
C LEU B 49 16.98 8.32 -14.78
N VAL B 50 18.13 8.29 -14.12
CA VAL B 50 18.63 9.48 -13.47
C VAL B 50 19.88 9.99 -14.16
N PRO B 51 19.62 11.02 -15.08
CA PRO B 51 20.82 11.49 -15.78
C PRO B 51 21.80 12.22 -14.87
N LEU B 52 23.07 11.91 -15.00
CA LEU B 52 24.08 12.49 -14.14
C LEU B 52 24.88 13.56 -14.86
N THR B 53 24.79 13.60 -16.17
CA THR B 53 25.51 14.57 -16.97
C THR B 53 24.53 15.45 -17.74
N GLU B 54 24.96 16.65 -18.10
CA GLU B 54 24.12 17.54 -18.89
C GLU B 54 23.72 16.89 -20.22
N GLU B 55 24.71 16.30 -20.91
CA GLU B 55 24.48 15.71 -22.22
C GLU B 55 23.42 14.63 -22.16
N ASN B 56 23.48 13.77 -21.14
CA ASN B 56 22.49 12.72 -20.99
C ASN B 56 21.11 13.29 -20.67
N GLU B 57 21.08 14.31 -19.83
CA GLU B 57 19.84 15.01 -19.55
C GLU B 57 19.30 15.63 -20.85
N GLU B 58 20.20 16.17 -21.66
CA GLU B 58 19.81 16.78 -22.93
C GLU B 58 19.16 15.75 -23.83
N ALA B 59 19.70 14.54 -23.81
CA ALA B 59 19.10 13.44 -24.56
C ALA B 59 17.68 13.16 -24.09
N MET B 60 17.49 13.15 -22.78
CA MET B 60 16.18 12.88 -22.18
C MET B 60 15.14 13.95 -22.54
N GLU B 61 15.60 15.14 -22.91
CA GLU B 61 14.68 16.23 -23.26
C GLU B 61 14.44 16.29 -24.78
N ASN B 62 15.08 15.38 -25.52
CA ASN B 62 15.00 15.36 -26.99
C ASN B 62 13.81 14.54 -27.50
N GLU B 63 13.03 15.10 -28.43
CA GLU B 63 11.83 14.43 -28.93
C GLU B 63 12.10 13.05 -29.54
N GLN B 64 13.13 12.96 -30.39
CA GLN B 64 13.55 11.69 -31.00
C GLN B 64 13.81 10.63 -29.93
N PHE B 65 14.74 10.95 -29.05
CA PHE B 65 15.15 10.07 -27.97
C PHE B 65 13.95 9.60 -27.12
N GLN B 66 13.08 10.54 -26.78
CA GLN B 66 11.87 10.25 -26.02
C GLN B 66 10.96 9.26 -26.76
N GLN B 67 10.87 9.41 -28.08
CA GLN B 67 10.11 8.49 -28.90
C GLN B 67 10.72 7.10 -28.81
N LEU B 68 12.04 7.05 -28.82
CA LEU B 68 12.75 5.79 -28.64
C LEU B 68 12.43 5.22 -27.25
N LEU B 69 12.41 6.09 -26.25
CA LEU B 69 12.17 5.64 -24.89
C LEU B 69 10.78 5.02 -24.79
N ARG B 70 9.79 5.64 -25.39
CA ARG B 70 8.40 5.15 -25.33
C ARG B 70 8.16 3.80 -25.99
N LYS B 71 8.91 3.53 -27.05
CA LYS B 71 8.82 2.26 -27.77
C LYS B 71 9.46 1.14 -26.98
N LEU B 72 10.58 1.44 -26.31
CA LEU B 72 11.25 0.46 -25.49
C LEU B 72 10.45 0.13 -24.25
N GLY B 73 9.51 0.99 -23.89
CA GLY B 73 8.66 0.73 -22.75
C GLY B 73 8.88 1.63 -21.56
N VAL B 74 9.74 2.62 -21.69
CA VAL B 74 10.03 3.56 -20.62
C VAL B 74 8.90 4.58 -20.53
N ARG B 75 8.37 4.82 -19.33
CA ARG B 75 7.27 5.76 -19.13
C ARG B 75 7.78 7.17 -18.77
N PRO B 76 7.13 8.21 -19.32
CA PRO B 76 7.49 9.58 -18.96
C PRO B 76 7.21 9.85 -17.47
N PRO B 77 7.84 10.89 -16.89
CA PRO B 77 7.55 11.27 -15.50
C PRO B 77 6.06 11.56 -15.29
N ALA B 78 5.53 11.21 -14.12
CA ALA B 78 4.15 11.57 -13.78
C ALA B 78 4.02 13.08 -13.71
N SER B 79 2.92 13.58 -14.24
CA SER B 79 2.62 15.00 -14.20
C SER B 79 2.72 15.58 -12.78
N GLY B 80 3.38 16.73 -12.66
CA GLY B 80 3.47 17.47 -11.43
C GLY B 80 4.49 16.96 -10.44
N GLN B 81 4.49 15.65 -10.19
CA GLN B 81 5.21 15.09 -9.06
C GLN B 81 6.59 14.54 -9.40
N GLU B 82 6.86 14.33 -10.69
CA GLU B 82 8.10 13.69 -11.14
C GLU B 82 8.76 14.46 -12.28
N THR B 83 10.09 14.33 -12.38
CA THR B 83 10.81 14.79 -13.58
C THR B 83 11.52 13.60 -14.27
N PHE B 84 11.89 12.56 -13.53
CA PHE B 84 12.60 11.45 -14.17
C PHE B 84 11.68 10.48 -14.89
N TRP B 85 12.11 10.03 -16.06
CA TRP B 85 11.46 8.90 -16.71
C TRP B 85 11.67 7.65 -15.87
N ARG B 86 10.74 6.71 -15.97
CA ARG B 86 10.74 5.49 -15.17
C ARG B 86 10.68 4.23 -16.05
N ILE B 87 11.48 3.25 -15.68
CA ILE B 87 11.35 1.88 -16.19
C ILE B 87 10.25 1.20 -15.38
N PRO B 88 9.07 0.97 -15.98
CA PRO B 88 7.93 0.40 -15.26
C PRO B 88 8.26 -0.95 -14.66
N ALA B 89 7.73 -1.23 -13.47
CA ALA B 89 8.01 -2.48 -12.77
C ALA B 89 7.53 -3.71 -13.55
N LYS B 90 6.52 -3.52 -14.39
CA LYS B 90 5.95 -4.62 -15.16
C LYS B 90 6.96 -5.26 -16.11
N LEU B 91 7.92 -4.49 -16.61
CA LEU B 91 8.89 -5.02 -17.58
C LEU B 91 9.78 -6.09 -16.96
N SER B 92 9.75 -7.27 -17.56
CA SER B 92 10.53 -8.42 -17.11
C SER B 92 12.01 -8.30 -17.52
N PRO B 93 12.91 -9.02 -16.83
CA PRO B 93 14.32 -9.06 -17.23
C PRO B 93 14.50 -9.37 -18.72
N THR B 94 13.68 -10.26 -19.24
CA THR B 94 13.70 -10.62 -20.66
C THR B 94 13.32 -9.45 -21.56
N GLN B 95 12.23 -8.76 -21.24
CA GLN B 95 11.81 -7.60 -22.03
C GLN B 95 12.87 -6.51 -22.02
N LEU B 96 13.48 -6.30 -20.85
CA LEU B 96 14.51 -5.28 -20.69
C LEU B 96 15.74 -5.63 -21.49
N ARG B 97 16.12 -6.91 -21.44
CA ARG B 97 17.28 -7.37 -22.18
C ARG B 97 17.03 -7.26 -23.68
N ARG B 98 15.83 -7.61 -24.12
CA ARG B 98 15.48 -7.44 -25.53
C ARG B 98 15.54 -5.97 -25.95
N ALA B 99 15.01 -5.08 -25.12
CA ALA B 99 14.98 -3.67 -25.45
C ALA B 99 16.41 -3.15 -25.58
N ALA B 100 17.27 -3.60 -24.69
CA ALA B 100 18.67 -3.18 -24.65
C ALA B 100 19.41 -3.67 -25.89
N ALA B 101 19.19 -4.94 -26.23
CA ALA B 101 19.84 -5.53 -27.40
C ALA B 101 19.34 -4.94 -28.71
N SER B 102 18.19 -4.27 -28.67
CA SER B 102 17.57 -3.74 -29.90
C SER B 102 18.19 -2.40 -30.32
N LEU B 103 18.88 -1.74 -29.39
CA LEU B 103 19.62 -0.51 -29.65
C LEU B 103 20.29 0.00 -28.37
N THR C 6 -12.57 12.80 -15.50
CA THR C 6 -12.45 12.49 -16.92
C THR C 6 -11.03 12.73 -17.44
N LYS C 7 -10.51 11.79 -18.22
CA LYS C 7 -11.19 10.54 -18.59
C LYS C 7 -10.19 9.40 -18.60
N SER C 8 -10.50 8.31 -17.89
CA SER C 8 -9.55 7.24 -17.63
C SER C 8 -8.77 6.76 -18.85
N LYS C 9 -7.49 6.50 -18.63
CA LYS C 9 -6.62 6.00 -19.68
C LYS C 9 -6.46 4.48 -19.56
N LEU C 10 -7.14 3.89 -18.57
CA LEU C 10 -7.12 2.44 -18.38
C LEU C 10 -7.75 1.75 -19.57
N PRO C 11 -7.18 0.61 -20.00
CA PRO C 11 -7.75 -0.20 -21.09
C PRO C 11 -9.21 -0.50 -20.83
N LYS C 12 -10.02 -0.59 -21.88
CA LYS C 12 -11.44 -0.86 -21.72
C LYS C 12 -11.76 -2.11 -20.84
N PRO C 13 -11.04 -3.24 -21.04
CA PRO C 13 -11.29 -4.41 -20.17
C PRO C 13 -11.04 -4.14 -18.69
N VAL C 14 -10.01 -3.35 -18.37
CA VAL C 14 -9.72 -3.04 -16.98
C VAL C 14 -10.82 -2.15 -16.42
N GLN C 15 -11.31 -1.20 -17.21
CA GLN C 15 -12.42 -0.33 -16.78
C GLN C 15 -13.69 -1.15 -16.47
N ASP C 16 -14.02 -2.09 -17.36
CA ASP C 16 -15.22 -2.90 -17.16
C ASP C 16 -15.10 -3.83 -15.94
N LEU C 17 -13.89 -4.29 -15.65
CA LEU C 17 -13.62 -5.05 -14.43
C LEU C 17 -13.89 -4.21 -13.18
N ILE C 18 -13.37 -2.98 -13.18
CA ILE C 18 -13.57 -2.06 -12.06
C ILE C 18 -15.05 -1.86 -11.80
N LYS C 19 -15.80 -1.62 -12.87
CA LYS C 19 -17.25 -1.42 -12.79
C LYS C 19 -17.99 -2.62 -12.18
N MET C 20 -17.65 -3.80 -12.65
CA MET C 20 -18.38 -4.96 -12.16
C MET C 20 -17.95 -5.29 -10.72
N ILE C 21 -16.71 -4.98 -10.35
CA ILE C 21 -16.22 -5.22 -8.99
C ILE C 21 -16.91 -4.29 -7.97
N PHE C 22 -17.15 -3.05 -8.36
CA PHE C 22 -17.73 -2.10 -7.41
C PHE C 22 -19.22 -1.88 -7.61
N ASP C 23 -19.93 -2.88 -8.13
CA ASP C 23 -21.35 -2.73 -8.44
C ASP C 23 -22.23 -2.92 -7.20
N VAL C 24 -22.80 -1.81 -6.72
CA VAL C 24 -23.60 -1.81 -5.50
C VAL C 24 -24.86 -2.67 -5.63
N GLU C 25 -25.47 -2.68 -6.82
CA GLU C 25 -26.69 -3.47 -6.99
C GLU C 25 -26.39 -4.97 -6.91
N SER C 26 -25.20 -5.38 -7.31
CA SER C 26 -24.79 -6.78 -7.15
C SER C 26 -24.63 -7.11 -5.67
N MET C 27 -24.12 -6.17 -4.90
CA MET C 27 -23.96 -6.40 -3.47
C MET C 27 -25.32 -6.61 -2.81
N LYS C 28 -26.26 -5.74 -3.11
CA LYS C 28 -27.61 -5.85 -2.55
C LYS C 28 -28.24 -7.14 -2.99
N LYS C 29 -28.03 -7.49 -4.25
CA LYS C 29 -28.60 -8.72 -4.80
C LYS C 29 -28.06 -9.94 -4.06
N ALA C 30 -26.77 -9.91 -3.71
CA ALA C 30 -26.19 -11.06 -3.02
C ALA C 30 -26.80 -11.18 -1.64
N MET C 31 -27.06 -10.04 -1.01
CA MET C 31 -27.63 -10.02 0.33
C MET C 31 -29.03 -10.61 0.33
N VAL C 32 -29.87 -10.17 -0.59
CA VAL C 32 -31.25 -10.67 -0.70
C VAL C 32 -31.23 -12.17 -1.00
N GLU C 33 -30.26 -12.60 -1.79
CA GLU C 33 -30.08 -14.00 -2.12
C GLU C 33 -29.84 -14.82 -0.86
N TYR C 34 -29.17 -14.20 0.11
CA TYR C 34 -28.95 -14.87 1.39
C TYR C 34 -30.16 -14.72 2.32
N GLU C 35 -31.26 -14.22 1.78
CA GLU C 35 -32.52 -14.00 2.50
C GLU C 35 -32.42 -12.89 3.55
N ILE C 36 -31.43 -12.02 3.40
CA ILE C 36 -31.29 -10.88 4.28
C ILE C 36 -32.44 -9.90 4.07
N ASP C 37 -32.95 -9.36 5.18
CA ASP C 37 -33.94 -8.29 5.16
C ASP C 37 -33.21 -6.97 4.95
N LEU C 38 -33.21 -6.47 3.71
CA LEU C 38 -32.47 -5.24 3.40
C LEU C 38 -33.09 -4.02 4.05
N GLN C 39 -34.40 -4.06 4.26
CA GLN C 39 -35.11 -3.00 4.95
C GLN C 39 -34.60 -2.87 6.38
N LYS C 40 -34.35 -4.02 6.99
CA LYS C 40 -33.85 -4.09 8.33
C LYS C 40 -32.35 -3.93 8.41
N MET C 41 -31.62 -4.50 7.48
CA MET C 41 -30.16 -4.37 7.45
C MET C 41 -29.68 -3.96 6.09
N PRO C 42 -29.73 -2.58 5.84
CA PRO C 42 -29.32 -2.21 4.48
C PRO C 42 -27.82 -2.41 4.24
N LEU C 43 -27.39 -2.38 2.99
CA LEU C 43 -25.97 -2.53 2.63
C LEU C 43 -25.11 -1.64 3.52
N GLY C 44 -25.58 -0.42 3.72
CA GLY C 44 -24.85 0.59 4.48
C GLY C 44 -24.63 0.35 5.96
N LYS C 45 -25.48 -0.43 6.61
CA LYS C 45 -25.30 -0.63 8.04
C LYS C 45 -24.70 -2.00 8.36
N LEU C 46 -24.32 -2.76 7.33
CA LEU C 46 -23.46 -3.92 7.54
C LEU C 46 -22.20 -3.47 8.26
N SER C 47 -21.85 -4.14 9.35
CA SER C 47 -20.66 -3.73 10.12
C SER C 47 -19.77 -4.93 10.43
N LYS C 48 -18.48 -4.67 10.57
CA LYS C 48 -17.54 -5.72 10.95
C LYS C 48 -17.86 -6.24 12.35
N ARG C 49 -18.40 -5.38 13.18
CA ARG C 49 -18.78 -5.74 14.55
C ARG C 49 -19.91 -6.74 14.60
N GLN C 50 -20.96 -6.49 13.84
CA GLN C 50 -22.07 -7.41 13.74
C GLN C 50 -21.67 -8.80 13.22
N ILE C 51 -20.94 -8.83 12.11
CA ILE C 51 -20.47 -10.07 11.52
C ILE C 51 -19.62 -10.90 12.47
N GLN C 52 -18.62 -10.27 13.08
CA GLN C 52 -17.79 -10.94 14.06
C GLN C 52 -18.64 -11.58 15.15
N ALA C 53 -19.59 -10.81 15.66
CA ALA C 53 -20.47 -11.29 16.71
C ALA C 53 -21.35 -12.44 16.19
N ALA C 54 -21.69 -12.40 14.90
CA ALA C 54 -22.54 -13.43 14.31
C ALA C 54 -21.75 -14.72 14.19
N TYR C 55 -20.50 -14.60 13.76
CA TYR C 55 -19.57 -15.71 13.75
C TYR C 55 -19.50 -16.38 15.13
N SER C 56 -19.36 -15.57 16.17
CA SER C 56 -19.27 -16.06 17.56
C SER C 56 -20.51 -16.86 17.97
N ILE C 57 -21.68 -16.37 17.61
CA ILE C 57 -22.89 -17.12 17.91
C ILE C 57 -22.86 -18.47 17.19
N LEU C 58 -22.39 -18.49 15.94
CA LEU C 58 -22.34 -19.74 15.19
C LEU C 58 -21.39 -20.76 15.82
N SER C 59 -20.34 -20.26 16.47
CA SER C 59 -19.45 -21.14 17.24
C SER C 59 -20.16 -21.62 18.51
N GLU C 60 -21.03 -20.79 19.06
CA GLU C 60 -21.87 -21.23 20.19
C GLU C 60 -22.83 -22.32 19.74
N VAL C 61 -23.40 -22.15 18.55
CA VAL C 61 -24.30 -23.15 17.99
C VAL C 61 -23.54 -24.44 17.77
N GLN C 62 -22.34 -24.30 17.23
CA GLN C 62 -21.45 -25.41 16.97
C GLN C 62 -21.25 -26.29 18.19
N GLN C 63 -20.86 -25.69 19.29
CA GLN C 63 -20.62 -26.46 20.45
C GLN C 63 -21.91 -27.03 20.97
N ALA C 64 -23.00 -26.31 20.77
CA ALA C 64 -24.29 -26.76 21.27
C ALA C 64 -24.81 -27.97 20.48
N VAL C 65 -24.59 -27.97 19.18
CA VAL C 65 -24.98 -29.12 18.35
C VAL C 65 -24.17 -30.36 18.76
N SER C 66 -22.90 -30.16 19.09
CA SER C 66 -22.00 -31.27 19.40
C SER C 66 -22.37 -31.98 20.72
N GLN C 73 -32.35 -23.72 24.26
CA GLN C 73 -31.03 -23.12 24.16
C GLN C 73 -30.67 -22.87 22.70
N ILE C 74 -30.97 -23.86 21.87
CA ILE C 74 -30.83 -23.76 20.43
C ILE C 74 -31.74 -22.65 19.86
N LEU C 75 -32.85 -22.39 20.56
CA LEU C 75 -33.85 -21.41 20.14
C LEU C 75 -33.37 -20.00 20.43
N ASP C 76 -32.72 -19.84 21.58
CA ASP C 76 -32.14 -18.56 21.95
C ASP C 76 -30.97 -18.17 21.03
N LEU C 77 -30.08 -19.12 20.73
CA LEU C 77 -28.95 -18.85 19.84
C LEU C 77 -29.42 -18.47 18.44
N SER C 78 -30.43 -19.17 17.94
CA SER C 78 -30.99 -18.87 16.63
C SER C 78 -31.52 -17.44 16.63
N ASN C 79 -32.26 -17.13 17.69
CA ASN C 79 -32.89 -15.83 17.81
C ASN C 79 -31.86 -14.71 17.88
N ARG C 80 -30.79 -14.97 18.62
CA ARG C 80 -29.66 -14.05 18.72
C ARG C 80 -28.96 -13.87 17.36
N PHE C 81 -28.86 -14.95 16.61
CA PHE C 81 -28.20 -14.86 15.31
C PHE C 81 -29.03 -13.98 14.39
N TYR C 82 -30.32 -14.28 14.30
CA TYR C 82 -31.23 -13.53 13.42
C TYR C 82 -31.37 -12.09 13.91
N THR C 83 -31.16 -11.85 15.19
CA THR C 83 -31.23 -10.48 15.69
C THR C 83 -30.08 -9.67 15.07
N LEU C 84 -28.89 -10.26 15.08
CA LEU C 84 -27.72 -9.61 14.50
C LEU C 84 -27.75 -9.57 12.97
N ILE C 85 -28.25 -10.64 12.37
CA ILE C 85 -28.30 -10.73 10.92
C ILE C 85 -29.74 -10.93 10.48
N PRO C 86 -30.49 -9.84 10.33
CA PRO C 86 -31.94 -9.96 10.07
C PRO C 86 -32.24 -10.66 8.75
N HIS C 87 -33.03 -11.73 8.82
CA HIS C 87 -33.49 -12.45 7.65
C HIS C 87 -34.97 -12.14 7.41
N ASP C 88 -35.40 -12.23 6.16
CA ASP C 88 -36.81 -12.04 5.84
C ASP C 88 -37.44 -13.39 5.53
N PHE C 89 -38.22 -13.90 6.48
CA PHE C 89 -38.83 -15.22 6.32
C PHE C 89 -40.30 -15.14 5.93
N GLY C 90 -40.78 -13.93 5.67
CA GLY C 90 -42.16 -13.73 5.27
C GLY C 90 -43.14 -14.17 6.34
N MET C 91 -44.04 -15.09 5.98
CA MET C 91 -45.03 -15.58 6.92
C MET C 91 -44.64 -16.93 7.51
N LYS C 92 -43.40 -17.36 7.26
CA LYS C 92 -42.93 -18.66 7.74
C LYS C 92 -42.27 -18.59 9.11
N LYS C 93 -42.27 -19.71 9.80
CA LYS C 93 -41.49 -19.89 11.02
C LYS C 93 -40.00 -19.78 10.69
N PRO C 94 -39.27 -18.93 11.42
CA PRO C 94 -37.80 -18.89 11.28
C PRO C 94 -37.16 -20.25 11.57
N PRO C 95 -36.39 -20.76 10.62
CA PRO C 95 -35.59 -21.99 10.77
C PRO C 95 -34.63 -21.96 11.97
N LEU C 96 -34.60 -23.05 12.73
CA LEU C 96 -33.69 -23.19 13.84
C LEU C 96 -32.25 -23.48 13.35
N LEU C 97 -31.26 -22.86 13.98
CA LEU C 97 -29.88 -23.22 13.66
C LEU C 97 -29.51 -24.40 14.53
N ASN C 98 -29.76 -25.60 14.03
CA ASN C 98 -29.73 -26.77 14.90
C ASN C 98 -28.97 -27.95 14.33
N ASN C 99 -28.26 -27.75 13.23
CA ASN C 99 -27.41 -28.81 12.69
C ASN C 99 -26.15 -28.27 12.00
N ALA C 100 -25.25 -29.17 11.63
CA ALA C 100 -23.99 -28.79 11.01
C ALA C 100 -24.23 -28.12 9.68
N ASP C 101 -25.26 -28.56 8.97
CA ASP C 101 -25.67 -27.92 7.72
C ASP C 101 -25.91 -26.43 7.91
N SER C 102 -26.68 -26.09 8.94
CA SER C 102 -26.98 -24.70 9.24
C SER C 102 -25.71 -23.91 9.59
N VAL C 103 -24.82 -24.54 10.34
CA VAL C 103 -23.55 -23.91 10.70
C VAL C 103 -22.77 -23.60 9.43
N GLN C 104 -22.63 -24.61 8.59
CA GLN C 104 -21.93 -24.45 7.32
C GLN C 104 -22.52 -23.34 6.45
N ALA C 105 -23.82 -23.40 6.22
CA ALA C 105 -24.49 -22.43 5.35
C ALA C 105 -24.35 -21.01 5.88
N LYS C 106 -24.54 -20.84 7.18
CA LYS C 106 -24.48 -19.49 7.75
C LYS C 106 -23.04 -18.96 7.78
N VAL C 107 -22.07 -19.85 8.01
CA VAL C 107 -20.64 -19.43 8.00
C VAL C 107 -20.23 -18.96 6.62
N GLU C 108 -20.68 -19.68 5.59
CA GLU C 108 -20.40 -19.27 4.22
C GLU C 108 -21.03 -17.90 3.94
N MET C 109 -22.25 -17.70 4.42
CA MET C 109 -22.92 -16.42 4.24
C MET C 109 -22.15 -15.27 4.95
N LEU C 110 -21.75 -15.49 6.19
CA LEU C 110 -20.94 -14.50 6.88
C LEU C 110 -19.62 -14.16 6.13
N ASP C 111 -18.95 -15.16 5.56
CA ASP C 111 -17.73 -14.91 4.78
C ASP C 111 -18.01 -13.95 3.63
N ASN C 112 -19.15 -14.13 2.97
CA ASN C 112 -19.47 -13.28 1.83
C ASN C 112 -19.90 -11.87 2.29
N LEU C 113 -20.65 -11.80 3.37
CA LEU C 113 -21.06 -10.51 3.94
C LEU C 113 -19.85 -9.67 4.33
N LEU C 114 -18.87 -10.34 4.92
CA LEU C 114 -17.63 -9.70 5.29
C LEU C 114 -16.92 -9.09 4.08
N ASP C 115 -16.80 -9.85 3.00
CA ASP C 115 -16.19 -9.31 1.78
C ASP C 115 -17.01 -8.15 1.21
N ILE C 116 -18.33 -8.26 1.33
CA ILE C 116 -19.21 -7.20 0.83
C ILE C 116 -19.02 -5.93 1.64
N GLU C 117 -18.98 -6.05 2.97
CA GLU C 117 -18.76 -4.88 3.82
C GLU C 117 -17.44 -4.21 3.47
N VAL C 118 -16.40 -5.01 3.25
CA VAL C 118 -15.10 -4.47 2.86
C VAL C 118 -15.24 -3.69 1.56
N ALA C 119 -15.89 -4.29 0.58
CA ALA C 119 -16.06 -3.65 -0.73
C ALA C 119 -16.84 -2.34 -0.62
N TYR C 120 -17.92 -2.34 0.16
CA TYR C 120 -18.72 -1.14 0.30
C TYR C 120 -17.97 -0.07 1.11
N SER C 121 -17.13 -0.49 2.03
CA SER C 121 -16.33 0.45 2.78
C SER C 121 -15.36 1.19 1.88
N LEU C 122 -14.77 0.50 0.93
CA LEU C 122 -13.82 1.12 0.04
C LEU C 122 -14.50 2.15 -0.81
N LEU C 123 -15.75 1.90 -1.16
CA LEU C 123 -16.43 2.70 -2.15
C LEU C 123 -16.86 4.03 -1.63
N ARG C 124 -17.30 4.11 -0.40
CA ARG C 124 -17.94 5.32 0.07
C ARG C 124 -17.21 6.02 1.21
N SER C 130 -13.73 14.29 -6.86
CA SER C 130 -12.33 14.62 -7.17
C SER C 130 -12.08 14.98 -8.63
N SER C 131 -10.81 15.17 -8.96
CA SER C 131 -10.41 15.59 -10.28
C SER C 131 -10.53 14.43 -11.26
N LYS C 132 -10.26 13.22 -10.76
CA LYS C 132 -10.09 12.05 -11.60
C LYS C 132 -11.40 11.32 -11.92
N ASP C 133 -11.41 10.67 -13.08
CA ASP C 133 -12.45 9.71 -13.46
C ASP C 133 -12.75 8.76 -12.30
N PRO C 134 -14.04 8.54 -11.99
CA PRO C 134 -14.49 7.57 -10.98
C PRO C 134 -13.85 6.19 -11.13
N ILE C 135 -13.59 5.78 -12.37
CA ILE C 135 -12.94 4.51 -12.67
C ILE C 135 -11.54 4.46 -12.09
N ASP C 136 -10.77 5.53 -12.34
CA ASP C 136 -9.39 5.61 -11.91
C ASP C 136 -9.27 5.66 -10.39
N VAL C 137 -10.15 6.40 -9.72
CA VAL C 137 -10.07 6.47 -8.27
C VAL C 137 -10.42 5.12 -7.65
N ASN C 138 -11.40 4.42 -8.24
CA ASN C 138 -11.73 3.09 -7.72
C ASN C 138 -10.64 2.09 -8.03
N TYR C 139 -10.04 2.20 -9.21
CA TYR C 139 -8.89 1.39 -9.56
C TYR C 139 -7.81 1.51 -8.50
N GLU C 140 -7.48 2.74 -8.12
CA GLU C 140 -6.41 2.98 -7.15
C GLU C 140 -6.73 2.42 -5.76
N LYS C 141 -8.00 2.37 -5.39
CA LYS C 141 -8.37 1.76 -4.11
C LYS C 141 -8.00 0.27 -4.01
N LEU C 142 -7.92 -0.43 -5.14
CA LEU C 142 -7.57 -1.85 -5.13
C LEU C 142 -6.11 -2.11 -4.81
N LYS C 143 -5.28 -1.07 -4.96
CA LYS C 143 -3.84 -1.16 -4.69
C LYS C 143 -3.23 -2.37 -5.41
N THR C 144 -3.58 -2.50 -6.68
CA THR C 144 -3.24 -3.68 -7.46
C THR C 144 -2.95 -3.27 -8.88
N ASP C 145 -1.76 -3.60 -9.37
CA ASP C 145 -1.46 -3.33 -10.77
C ASP C 145 -2.18 -4.38 -11.61
N ILE C 146 -3.03 -3.91 -12.53
CA ILE C 146 -3.82 -4.82 -13.35
C ILE C 146 -3.49 -4.61 -14.83
N LYS C 147 -2.96 -5.64 -15.46
CA LYS C 147 -2.58 -5.54 -16.87
C LYS C 147 -3.27 -6.61 -17.70
N VAL C 148 -3.70 -6.22 -18.89
CA VAL C 148 -4.34 -7.14 -19.82
C VAL C 148 -3.29 -8.04 -20.46
N VAL C 149 -3.52 -9.35 -20.38
CA VAL C 149 -2.63 -10.29 -21.03
C VAL C 149 -3.06 -10.41 -22.49
N ASP C 150 -2.09 -10.29 -23.38
CA ASP C 150 -2.34 -10.40 -24.81
C ASP C 150 -2.89 -11.78 -25.12
N ARG C 151 -4.04 -11.83 -25.80
CA ARG C 151 -4.75 -13.09 -25.98
C ARG C 151 -3.98 -14.07 -26.86
N ASP C 152 -2.94 -13.60 -27.55
CA ASP C 152 -2.15 -14.49 -28.39
C ASP C 152 -0.76 -14.79 -27.83
N SER C 153 -0.52 -14.42 -26.57
CA SER C 153 0.75 -14.69 -25.92
C SER C 153 0.82 -16.15 -25.48
N GLU C 154 2.00 -16.61 -25.10
CA GLU C 154 2.12 -17.99 -24.61
C GLU C 154 1.44 -18.08 -23.25
N GLU C 155 1.48 -16.98 -22.50
CA GLU C 155 0.72 -16.85 -21.27
C GLU C 155 -0.72 -17.24 -21.44
N ALA C 156 -1.38 -16.56 -22.37
CA ALA C 156 -2.80 -16.75 -22.63
C ALA C 156 -3.09 -18.19 -23.04
N GLU C 157 -2.23 -18.73 -23.88
CA GLU C 157 -2.37 -20.10 -24.38
C GLU C 157 -2.35 -21.12 -23.25
N ILE C 158 -1.35 -21.01 -22.39
CA ILE C 158 -1.26 -21.89 -21.24
C ILE C 158 -2.51 -21.76 -20.37
N ILE C 159 -2.91 -20.53 -20.09
CA ILE C 159 -4.07 -20.29 -19.25
C ILE C 159 -5.34 -20.87 -19.89
N ARG C 160 -5.54 -20.63 -21.18
CA ARG C 160 -6.73 -21.15 -21.85
C ARG C 160 -6.71 -22.69 -21.87
N LYS C 161 -5.53 -23.28 -22.03
CA LYS C 161 -5.39 -24.74 -21.98
C LYS C 161 -5.75 -25.26 -20.58
N TYR C 162 -5.30 -24.55 -19.54
CA TYR C 162 -5.65 -24.89 -18.16
C TYR C 162 -7.17 -24.89 -17.97
N VAL C 163 -7.83 -23.83 -18.43
CA VAL C 163 -9.29 -23.79 -18.40
C VAL C 163 -9.92 -24.94 -19.21
N LYS C 164 -9.49 -25.10 -20.46
CA LYS C 164 -10.04 -26.15 -21.32
C LYS C 164 -9.91 -27.56 -20.75
N ASN C 165 -8.78 -27.86 -20.13
CA ASN C 165 -8.49 -29.24 -19.76
C ASN C 165 -9.02 -29.69 -18.41
N THR C 166 -9.32 -28.74 -17.53
CA THR C 166 -9.61 -29.13 -16.15
C THR C 166 -11.04 -28.80 -15.76
N HIS C 167 -11.92 -28.72 -16.75
CA HIS C 167 -13.34 -28.62 -16.44
C HIS C 167 -13.89 -30.02 -16.10
N ALA C 168 -14.32 -30.23 -14.85
CA ALA C 168 -14.78 -31.54 -14.39
C ALA C 168 -16.05 -32.01 -15.09
N THR C 169 -16.12 -33.33 -15.32
CA THR C 169 -17.24 -33.93 -16.02
C THR C 169 -18.55 -33.80 -15.23
N THR C 170 -18.44 -33.70 -13.91
CA THR C 170 -19.65 -33.64 -13.09
C THR C 170 -20.16 -32.20 -12.98
N HIS C 171 -19.39 -31.23 -13.43
CA HIS C 171 -19.84 -29.85 -13.38
C HIS C 171 -20.40 -29.46 -14.75
N ASN C 172 -21.47 -30.14 -15.13
CA ASN C 172 -21.98 -30.03 -16.48
C ASN C 172 -23.15 -29.05 -16.65
N ALA C 173 -23.29 -28.12 -15.71
CA ALA C 173 -24.38 -27.14 -15.83
C ALA C 173 -23.99 -26.01 -16.79
N TYR C 174 -22.71 -25.92 -17.11
CA TYR C 174 -22.22 -24.84 -17.96
C TYR C 174 -20.91 -25.24 -18.62
N ASP C 175 -20.57 -24.57 -19.71
CA ASP C 175 -19.18 -24.54 -20.14
C ASP C 175 -18.62 -23.12 -20.06
N LEU C 176 -17.30 -23.01 -20.17
CA LEU C 176 -16.57 -21.78 -19.93
C LEU C 176 -15.85 -21.24 -21.14
N GLU C 177 -15.97 -19.95 -21.34
CA GLU C 177 -15.15 -19.22 -22.31
CA GLU C 177 -15.12 -19.26 -22.30
C GLU C 177 -14.39 -18.10 -21.62
N VAL C 178 -13.09 -18.00 -21.86
CA VAL C 178 -12.31 -16.91 -21.30
C VAL C 178 -12.53 -15.61 -22.08
N ILE C 179 -13.04 -14.57 -21.42
CA ILE C 179 -13.25 -13.27 -22.08
C ILE C 179 -11.99 -12.42 -22.01
N ASP C 180 -11.45 -12.26 -20.80
CA ASP C 180 -10.24 -11.46 -20.58
C ASP C 180 -9.31 -12.16 -19.60
N ILE C 181 -8.02 -11.97 -19.78
CA ILE C 181 -7.04 -12.43 -18.81
C ILE C 181 -6.27 -11.21 -18.32
N PHE C 182 -6.25 -11.03 -17.00
CA PHE C 182 -5.50 -9.95 -16.38
C PHE C 182 -4.32 -10.49 -15.57
N LYS C 183 -3.14 -9.94 -15.80
CA LYS C 183 -2.02 -10.19 -14.91
C LYS C 183 -2.11 -9.17 -13.78
N ILE C 184 -2.16 -9.67 -12.55
CA ILE C 184 -2.36 -8.78 -11.40
C ILE C 184 -1.21 -8.85 -10.40
N GLU C 185 -0.94 -7.72 -9.78
CA GLU C 185 0.16 -7.59 -8.85
C GLU C 185 -0.32 -6.80 -7.66
N ARG C 186 -0.71 -7.48 -6.59
CA ARG C 186 -1.11 -6.77 -5.40
C ARG C 186 0.11 -6.14 -4.77
N GLU C 187 -0.01 -4.88 -4.36
CA GLU C 187 1.15 -4.18 -3.81
C GLU C 187 1.55 -4.83 -2.48
N GLY C 188 2.86 -5.06 -2.34
CA GLY C 188 3.37 -5.70 -1.15
C GLY C 188 3.41 -7.21 -1.24
N GLU C 189 2.66 -7.82 -2.16
CA GLU C 189 2.45 -9.24 -2.07
C GLU C 189 3.65 -10.06 -2.57
N CYS C 190 4.37 -9.51 -3.54
CA CYS C 190 5.54 -10.22 -4.06
C CYS C 190 6.57 -10.37 -2.94
N GLN C 191 6.75 -9.32 -2.16
CA GLN C 191 7.68 -9.36 -1.04
C GLN C 191 7.18 -10.29 0.07
N ARG C 192 5.88 -10.22 0.38
CA ARG C 192 5.28 -11.10 1.38
C ARG C 192 5.48 -12.57 1.02
N TYR C 193 5.34 -12.88 -0.26
CA TYR C 193 5.40 -14.25 -0.73
C TYR C 193 6.83 -14.75 -0.93
N LYS C 194 7.75 -13.82 -1.18
CA LYS C 194 9.11 -14.16 -1.59
C LYS C 194 9.78 -15.26 -0.74
N PRO C 195 9.69 -15.18 0.61
CA PRO C 195 10.29 -16.28 1.40
C PRO C 195 9.73 -17.67 1.11
N PHE C 196 8.49 -17.78 0.65
CA PHE C 196 7.91 -19.09 0.36
C PHE C 196 8.33 -19.61 -1.02
N LYS C 197 8.91 -18.74 -1.84
CA LYS C 197 9.45 -19.19 -3.12
C LYS C 197 10.64 -20.12 -2.88
N GLN C 198 11.14 -20.13 -1.64
CA GLN C 198 12.15 -21.10 -1.24
C GLN C 198 11.53 -22.46 -0.98
N LEU C 199 10.29 -22.46 -0.53
CA LEU C 199 9.58 -23.71 -0.27
C LEU C 199 9.44 -24.50 -1.55
N HIS C 200 9.58 -25.81 -1.48
CA HIS C 200 9.34 -26.56 -2.69
C HIS C 200 7.85 -26.87 -2.78
N ASN C 201 7.44 -27.49 -3.87
CA ASN C 201 6.04 -27.78 -4.11
C ASN C 201 5.15 -26.53 -4.15
N ARG C 202 5.33 -25.74 -5.20
CA ARG C 202 4.56 -24.54 -5.42
C ARG C 202 3.72 -24.79 -6.67
N ARG C 203 2.43 -24.46 -6.60
CA ARG C 203 1.54 -24.73 -7.73
C ARG C 203 0.69 -23.53 -8.08
N LEU C 204 0.39 -23.39 -9.36
CA LEU C 204 -0.55 -22.37 -9.85
C LEU C 204 -1.95 -22.96 -9.79
N LEU C 205 -2.79 -22.41 -8.92
CA LEU C 205 -4.09 -23.03 -8.67
C LEU C 205 -5.22 -22.03 -8.74
N TRP C 206 -6.43 -22.55 -8.90
CA TRP C 206 -7.64 -21.76 -9.06
C TRP C 206 -8.31 -21.36 -7.75
N HIS C 207 -8.88 -20.18 -7.71
CA HIS C 207 -9.74 -19.76 -6.61
C HIS C 207 -10.89 -18.91 -7.14
N GLY C 208 -12.10 -19.42 -6.97
CA GLY C 208 -13.29 -18.71 -7.39
C GLY C 208 -13.98 -17.98 -6.26
N SER C 209 -14.71 -16.91 -6.59
CA SER C 209 -15.46 -16.14 -5.60
C SER C 209 -16.55 -15.32 -6.29
N ARG C 210 -17.55 -14.89 -5.53
CA ARG C 210 -18.58 -14.00 -6.05
C ARG C 210 -17.88 -12.75 -6.53
N THR C 211 -18.41 -12.14 -7.58
CA THR C 211 -17.80 -10.91 -8.10
C THR C 211 -17.78 -9.82 -7.03
N THR C 212 -18.75 -9.87 -6.11
CA THR C 212 -18.88 -8.90 -5.02
C THR C 212 -17.79 -9.06 -3.95
N ASN C 213 -16.89 -10.02 -4.13
CA ASN C 213 -15.82 -10.22 -3.14
C ASN C 213 -14.47 -9.70 -3.59
N PHE C 214 -14.39 -9.31 -4.85
CA PHE C 214 -13.07 -9.08 -5.44
C PHE C 214 -12.46 -7.75 -5.07
N ALA C 215 -13.28 -6.79 -4.69
CA ALA C 215 -12.75 -5.53 -4.21
C ALA C 215 -11.93 -5.80 -2.97
N GLY C 216 -12.49 -6.63 -2.08
CA GLY C 216 -11.81 -7.04 -0.86
C GLY C 216 -10.61 -7.93 -1.13
N ILE C 217 -10.78 -8.89 -2.04
CA ILE C 217 -9.71 -9.79 -2.38
C ILE C 217 -8.54 -9.05 -2.98
N LEU C 218 -8.80 -8.10 -3.88
CA LEU C 218 -7.68 -7.38 -4.48
C LEU C 218 -7.09 -6.39 -3.48
N SER C 219 -7.90 -5.72 -2.69
CA SER C 219 -7.34 -4.72 -1.79
C SER C 219 -6.59 -5.37 -0.60
N GLN C 220 -7.06 -6.53 -0.14
CA GLN C 220 -6.49 -7.13 1.06
C GLN C 220 -5.87 -8.49 0.85
N GLY C 221 -6.04 -9.06 -0.35
CA GLY C 221 -5.58 -10.42 -0.62
C GLY C 221 -6.55 -11.45 -0.07
N LEU C 222 -6.36 -12.71 -0.44
CA LEU C 222 -7.19 -13.77 0.13
C LEU C 222 -6.91 -13.89 1.63
N ARG C 223 -7.98 -14.11 2.39
CA ARG C 223 -7.90 -14.14 3.85
C ARG C 223 -8.65 -15.34 4.39
N ILE C 224 -8.45 -15.58 5.68
CA ILE C 224 -8.97 -16.76 6.35
C ILE C 224 -10.11 -16.34 7.29
N ALA C 225 -11.11 -17.21 7.43
CA ALA C 225 -12.18 -16.93 8.40
C ALA C 225 -11.57 -16.70 9.78
N PRO C 226 -12.12 -15.76 10.55
CA PRO C 226 -11.52 -15.30 11.83
C PRO C 226 -11.53 -16.34 12.95
N PRO C 227 -10.85 -16.05 14.06
CA PRO C 227 -10.87 -16.99 15.19
C PRO C 227 -12.29 -17.32 15.69
N GLU C 228 -13.21 -16.35 15.67
CA GLU C 228 -14.54 -16.61 16.22
C GLU C 228 -15.45 -17.38 15.25
N ALA C 229 -14.98 -17.60 14.02
CA ALA C 229 -15.74 -18.40 13.05
C ALA C 229 -15.69 -19.88 13.47
N PRO C 230 -16.77 -20.63 13.22
CA PRO C 230 -16.79 -22.03 13.70
C PRO C 230 -15.96 -22.95 12.80
N VAL C 231 -14.98 -23.66 13.37
CA VAL C 231 -14.10 -24.53 12.56
C VAL C 231 -14.91 -25.55 11.77
N THR C 232 -16.01 -26.00 12.36
CA THR C 232 -16.84 -27.05 11.75
C THR C 232 -17.61 -26.51 10.53
N GLY C 233 -17.59 -25.21 10.34
CA GLY C 233 -18.23 -24.62 9.18
C GLY C 233 -17.48 -24.85 7.88
N TYR C 234 -16.24 -25.35 7.97
CA TYR C 234 -15.34 -25.41 6.81
C TYR C 234 -14.79 -26.83 6.70
N MET C 235 -14.88 -27.37 5.49
CA MET C 235 -14.61 -28.79 5.25
C MET C 235 -13.21 -29.22 5.74
N PHE C 236 -12.24 -28.32 5.63
CA PHE C 236 -10.88 -28.62 6.07
C PHE C 236 -10.40 -27.56 7.04
N GLY C 237 -11.33 -27.02 7.82
CA GLY C 237 -10.97 -26.00 8.79
C GLY C 237 -10.77 -24.66 8.13
N LYS C 238 -10.31 -23.68 8.90
CA LYS C 238 -10.24 -22.32 8.41
C LYS C 238 -8.90 -22.03 7.71
N GLY C 239 -8.93 -21.98 6.38
CA GLY C 239 -7.74 -21.77 5.59
C GLY C 239 -8.14 -21.10 4.29
N ILE C 240 -7.23 -21.03 3.33
CA ILE C 240 -7.55 -20.52 2.00
C ILE C 240 -7.60 -21.71 1.04
N TYR C 241 -8.71 -21.82 0.32
CA TYR C 241 -8.99 -23.02 -0.48
C TYR C 241 -8.69 -22.80 -1.95
N PHE C 242 -8.16 -23.84 -2.58
CA PHE C 242 -7.79 -23.82 -4.00
C PHE C 242 -8.15 -25.14 -4.66
N ALA C 243 -8.30 -25.11 -5.98
CA ALA C 243 -8.54 -26.33 -6.74
C ALA C 243 -7.61 -26.40 -7.95
N ASP C 244 -7.38 -27.60 -8.48
CA ASP C 244 -6.64 -27.72 -9.74
C ASP C 244 -7.60 -27.96 -10.93
N MET C 245 -8.90 -28.01 -10.64
CA MET C 245 -9.96 -28.14 -11.67
C MET C 245 -10.68 -26.79 -11.78
N VAL C 246 -10.60 -26.13 -12.93
CA VAL C 246 -11.14 -24.78 -13.07
C VAL C 246 -12.64 -24.72 -12.67
N SER C 247 -13.38 -25.77 -12.97
CA SER C 247 -14.82 -25.72 -12.74
C SER C 247 -15.15 -25.84 -11.26
N LYS C 248 -14.34 -26.60 -10.53
CA LYS C 248 -14.57 -26.71 -9.10
C LYS C 248 -14.50 -25.31 -8.50
N SER C 249 -13.51 -24.53 -8.94
CA SER C 249 -13.42 -23.18 -8.42
C SER C 249 -14.49 -22.27 -9.01
N ALA C 250 -14.79 -22.46 -10.29
CA ALA C 250 -15.72 -21.59 -10.98
C ALA C 250 -17.12 -21.72 -10.38
N ASN C 251 -17.43 -22.88 -9.80
CA ASN C 251 -18.70 -23.03 -9.08
C ASN C 251 -18.87 -21.98 -7.96
N TYR C 252 -17.76 -21.50 -7.38
CA TYR C 252 -17.85 -20.49 -6.33
C TYR C 252 -18.10 -19.08 -6.87
N CYS C 253 -18.15 -18.91 -8.19
CA CYS C 253 -18.56 -17.61 -8.74
C CYS C 253 -20.04 -17.31 -8.55
N HIS C 254 -20.84 -18.37 -8.38
CA HIS C 254 -22.30 -18.28 -8.22
C HIS C 254 -22.95 -17.52 -9.36
N THR C 255 -22.46 -17.73 -10.58
CA THR C 255 -23.10 -17.15 -11.74
C THR C 255 -24.37 -17.91 -12.08
N SER C 256 -25.18 -17.34 -12.96
CA SER C 256 -26.42 -17.94 -13.39
C SER C 256 -26.72 -17.47 -14.80
N GLN C 257 -27.77 -18.01 -15.39
CA GLN C 257 -28.13 -17.66 -16.76
C GLN C 257 -28.37 -16.17 -16.91
N GLY C 258 -29.03 -15.58 -15.91
CA GLY C 258 -29.32 -14.15 -15.91
C GLY C 258 -28.15 -13.26 -15.54
N ASP C 259 -27.08 -13.86 -15.04
CA ASP C 259 -25.84 -13.14 -14.72
C ASP C 259 -24.66 -14.06 -14.98
N PRO C 260 -24.27 -14.21 -16.26
CA PRO C 260 -23.40 -15.33 -16.65
C PRO C 260 -21.90 -15.02 -16.65
N ILE C 261 -21.51 -13.87 -16.13
CA ILE C 261 -20.11 -13.46 -16.14
C ILE C 261 -19.56 -13.58 -14.74
N GLY C 262 -18.45 -14.32 -14.58
CA GLY C 262 -17.82 -14.50 -13.28
C GLY C 262 -16.35 -14.15 -13.29
N LEU C 263 -15.76 -14.07 -12.11
CA LEU C 263 -14.33 -13.80 -12.00
C LEU C 263 -13.66 -14.93 -11.23
N ILE C 264 -12.46 -15.30 -11.68
CA ILE C 264 -11.71 -16.37 -11.02
C ILE C 264 -10.23 -16.03 -10.97
N LEU C 265 -9.56 -16.46 -9.91
CA LEU C 265 -8.12 -16.22 -9.73
C LEU C 265 -7.25 -17.41 -10.06
N LEU C 266 -6.03 -17.13 -10.54
CA LEU C 266 -4.93 -18.08 -10.51
C LEU C 266 -3.92 -17.56 -9.52
N GLY C 267 -3.63 -18.35 -8.50
CA GLY C 267 -2.65 -17.95 -7.50
C GLY C 267 -1.53 -18.95 -7.46
N GLU C 268 -0.32 -18.49 -7.23
CA GLU C 268 0.76 -19.41 -6.92
C GLU C 268 0.67 -19.68 -5.43
N VAL C 269 0.66 -20.95 -5.09
CA VAL C 269 0.44 -21.39 -3.71
C VAL C 269 1.64 -22.23 -3.26
N ALA C 270 2.28 -21.79 -2.19
CA ALA C 270 3.40 -22.53 -1.65
C ALA C 270 2.86 -23.63 -0.75
N LEU C 271 2.75 -24.83 -1.30
CA LEU C 271 2.14 -25.96 -0.59
C LEU C 271 3.09 -26.62 0.42
N GLY C 272 4.39 -26.66 0.10
CA GLY C 272 5.38 -27.37 0.91
C GLY C 272 4.97 -28.82 1.13
N ASN C 273 5.17 -29.30 2.36
CA ASN C 273 4.76 -30.67 2.75
C ASN C 273 3.25 -30.76 2.94
N MET C 274 2.61 -31.62 2.16
CA MET C 274 1.16 -31.70 2.17
C MET C 274 0.65 -32.75 3.13
N TYR C 275 -0.29 -32.35 3.97
CA TYR C 275 -1.07 -33.29 4.79
C TYR C 275 -2.20 -33.86 3.92
N GLU C 276 -2.09 -35.10 3.50
CA GLU C 276 -3.03 -35.64 2.54
C GLU C 276 -4.20 -36.30 3.24
N LEU C 277 -5.41 -35.87 2.91
CA LEU C 277 -6.61 -36.40 3.53
C LEU C 277 -7.58 -36.96 2.49
N LYS C 278 -8.39 -37.94 2.91
CA LYS C 278 -9.36 -38.59 2.05
C LYS C 278 -10.78 -38.28 2.51
N HIS C 279 -10.89 -37.58 3.63
CA HIS C 279 -12.19 -37.17 4.15
CA HIS C 279 -12.19 -37.19 4.18
C HIS C 279 -12.08 -35.78 4.77
N ALA C 280 -13.23 -35.14 4.99
CA ALA C 280 -13.26 -33.84 5.65
C ALA C 280 -12.67 -33.97 7.05
N SER C 281 -11.95 -32.93 7.48
CA SER C 281 -11.40 -32.90 8.82
C SER C 281 -11.31 -31.45 9.29
N HIS C 282 -12.00 -31.12 10.36
CA HIS C 282 -12.05 -29.71 10.77
C HIS C 282 -10.78 -29.33 11.52
N ILE C 283 -9.73 -29.19 10.72
CA ILE C 283 -8.38 -28.87 11.15
C ILE C 283 -8.30 -27.55 11.91
N SER C 284 -7.64 -27.62 13.06
CA SER C 284 -7.34 -26.43 13.84
C SER C 284 -5.90 -26.00 13.61
N LYS C 285 -5.03 -26.98 13.44
CA LYS C 285 -3.62 -26.74 13.22
C LYS C 285 -3.05 -27.91 12.41
N LEU C 286 -2.14 -27.62 11.49
CA LEU C 286 -1.53 -28.68 10.69
C LEU C 286 -0.67 -29.57 11.57
N PRO C 287 -0.58 -30.86 11.24
CA PRO C 287 0.39 -31.72 11.91
C PRO C 287 1.79 -31.14 11.74
N LYS C 288 2.64 -31.45 12.70
CA LYS C 288 3.97 -30.87 12.75
C LYS C 288 4.79 -31.26 11.52
N GLY C 289 5.33 -30.26 10.83
CA GLY C 289 6.14 -30.52 9.65
C GLY C 289 5.37 -30.26 8.36
N LYS C 290 4.04 -30.20 8.45
CA LYS C 290 3.19 -29.98 7.27
C LYS C 290 2.90 -28.50 7.03
N HIS C 291 2.64 -28.12 5.77
CA HIS C 291 2.45 -26.71 5.39
C HIS C 291 1.12 -26.45 4.65
N SER C 292 0.45 -27.53 4.31
CA SER C 292 -0.83 -27.43 3.62
C SER C 292 -1.59 -28.74 3.76
N VAL C 293 -2.89 -28.70 3.47
CA VAL C 293 -3.68 -29.90 3.32
C VAL C 293 -3.91 -30.15 1.84
N LYS C 294 -3.73 -31.40 1.42
CA LYS C 294 -4.23 -31.78 0.11
C LYS C 294 -5.35 -32.79 0.27
N GLY C 295 -6.58 -32.37 -0.06
CA GLY C 295 -7.68 -33.32 -0.13
C GLY C 295 -7.53 -34.13 -1.41
N LEU C 296 -7.45 -35.45 -1.30
CA LEU C 296 -7.16 -36.30 -2.45
C LEU C 296 -8.42 -36.65 -3.23
N GLY C 297 -8.48 -36.21 -4.49
CA GLY C 297 -9.64 -36.51 -5.32
C GLY C 297 -9.51 -37.83 -6.04
N LYS C 298 -10.67 -38.41 -6.37
CA LYS C 298 -10.71 -39.60 -7.23
C LYS C 298 -10.13 -39.31 -8.61
N THR C 299 -10.27 -38.05 -9.03
CA THR C 299 -9.77 -37.61 -10.34
C THR C 299 -8.76 -36.47 -10.18
N THR C 300 -7.66 -36.58 -10.90
CA THR C 300 -6.62 -35.58 -10.84
C THR C 300 -6.11 -35.30 -12.25
N PRO C 301 -5.71 -34.05 -12.52
CA PRO C 301 -5.03 -33.76 -13.79
C PRO C 301 -3.86 -34.71 -13.99
N ASP C 302 -3.62 -35.13 -15.24
CA ASP C 302 -2.53 -36.07 -15.53
C ASP C 302 -1.17 -35.47 -15.17
N PRO C 303 -0.54 -36.02 -14.13
CA PRO C 303 0.71 -35.44 -13.60
C PRO C 303 1.80 -35.30 -14.66
N SER C 304 1.79 -36.17 -15.65
CA SER C 304 2.85 -36.17 -16.65
C SER C 304 2.70 -34.98 -17.60
N ALA C 305 1.56 -34.30 -17.53
CA ALA C 305 1.33 -33.17 -18.41
C ALA C 305 1.51 -31.83 -17.70
N ASN C 306 1.89 -31.87 -16.41
CA ASN C 306 2.27 -30.65 -15.69
C ASN C 306 3.27 -29.85 -16.50
N ILE C 307 3.08 -28.54 -16.57
CA ILE C 307 4.10 -27.70 -17.17
C ILE C 307 4.54 -26.63 -16.16
N SER C 308 5.65 -25.97 -16.45
CA SER C 308 6.17 -24.94 -15.56
C SER C 308 5.96 -23.56 -16.17
N LEU C 309 5.40 -22.66 -15.38
CA LEU C 309 5.20 -21.27 -15.80
C LEU C 309 5.83 -20.30 -14.78
N ASP C 310 6.85 -19.57 -15.20
CA ASP C 310 7.61 -18.69 -14.30
C ASP C 310 8.15 -19.45 -13.09
N GLY C 311 8.67 -20.65 -13.33
CA GLY C 311 9.20 -21.48 -12.26
C GLY C 311 8.14 -22.14 -11.38
N VAL C 312 6.89 -22.12 -11.82
CA VAL C 312 5.79 -22.71 -11.05
C VAL C 312 5.07 -23.81 -11.83
N ASP C 313 4.85 -24.95 -11.16
CA ASP C 313 4.07 -26.06 -11.73
C ASP C 313 2.61 -25.69 -12.06
N VAL C 314 2.22 -25.93 -13.30
CA VAL C 314 0.83 -25.77 -13.71
C VAL C 314 0.25 -27.14 -14.07
N PRO C 315 -0.72 -27.61 -13.27
CA PRO C 315 -1.28 -28.96 -13.46
C PRO C 315 -2.43 -28.95 -14.46
N LEU C 316 -2.13 -28.66 -15.72
CA LEU C 316 -3.18 -28.43 -16.69
C LEU C 316 -3.51 -29.69 -17.47
N GLY C 317 -2.98 -30.83 -17.04
CA GLY C 317 -3.31 -32.09 -17.68
C GLY C 317 -4.80 -32.39 -17.65
N THR C 318 -5.26 -33.12 -18.66
CA THR C 318 -6.61 -33.71 -18.65
C THR C 318 -6.79 -34.70 -17.47
N GLY C 319 -7.99 -34.76 -16.92
CA GLY C 319 -8.26 -35.60 -15.78
C GLY C 319 -8.03 -37.09 -16.00
N ILE C 320 -7.36 -37.73 -15.04
CA ILE C 320 -7.24 -39.18 -14.99
C ILE C 320 -7.66 -39.67 -13.61
N SER C 321 -7.93 -40.97 -13.51
CA SER C 321 -8.12 -41.57 -12.21
C SER C 321 -6.83 -41.44 -11.40
N SER C 322 -6.97 -40.95 -10.15
CA SER C 322 -5.82 -40.77 -9.27
C SER C 322 -5.30 -42.10 -8.74
N GLY C 323 -6.18 -43.09 -8.69
CA GLY C 323 -5.86 -44.39 -8.14
C GLY C 323 -6.03 -44.42 -6.63
N VAL C 324 -6.59 -43.35 -6.07
CA VAL C 324 -6.66 -43.25 -4.61
C VAL C 324 -7.83 -44.05 -4.03
N ASN C 325 -7.51 -44.81 -3.00
CA ASN C 325 -8.43 -45.77 -2.40
C ASN C 325 -9.17 -45.21 -1.19
N ASP C 326 -10.51 -45.25 -1.27
CA ASP C 326 -11.39 -44.85 -0.16
C ASP C 326 -11.28 -43.36 0.15
N THR C 327 -11.53 -42.52 -0.85
CA THR C 327 -11.61 -41.09 -0.62
C THR C 327 -13.00 -40.59 -1.02
N SER C 328 -13.51 -39.60 -0.30
CA SER C 328 -14.85 -39.10 -0.51
C SER C 328 -14.86 -37.86 -1.41
N LEU C 329 -13.68 -37.40 -1.81
CA LEU C 329 -13.58 -36.22 -2.65
C LEU C 329 -13.51 -36.63 -4.11
N LEU C 330 -14.29 -35.98 -4.96
CA LEU C 330 -14.19 -36.26 -6.37
C LEU C 330 -12.91 -35.66 -6.96
N TYR C 331 -12.56 -34.46 -6.50
CA TYR C 331 -11.43 -33.70 -7.06
C TYR C 331 -10.49 -33.23 -5.95
N ASN C 332 -9.23 -32.97 -6.31
CA ASN C 332 -8.27 -32.44 -5.35
C ASN C 332 -8.79 -31.13 -4.72
N GLU C 333 -8.42 -30.91 -3.46
CA GLU C 333 -8.54 -29.61 -2.80
C GLU C 333 -7.22 -29.27 -2.12
N TYR C 334 -6.81 -28.01 -2.20
CA TYR C 334 -5.58 -27.54 -1.60
C TYR C 334 -5.90 -26.44 -0.63
N ILE C 335 -5.39 -26.55 0.58
CA ILE C 335 -5.64 -25.54 1.59
C ILE C 335 -4.34 -25.14 2.31
N VAL C 336 -4.12 -23.83 2.43
CA VAL C 336 -3.02 -23.31 3.23
C VAL C 336 -3.63 -22.51 4.40
N TYR C 337 -2.88 -22.34 5.48
CA TYR C 337 -3.42 -21.79 6.72
C TYR C 337 -2.69 -20.53 7.14
N ASP C 338 -1.84 -20.02 6.25
CA ASP C 338 -1.14 -18.76 6.49
C ASP C 338 -1.33 -17.92 5.23
N ILE C 339 -1.79 -16.68 5.35
CA ILE C 339 -2.14 -15.89 4.17
C ILE C 339 -0.93 -15.57 3.29
N ALA C 340 0.27 -15.65 3.84
CA ALA C 340 1.47 -15.30 3.08
C ALA C 340 1.86 -16.37 2.07
N GLN C 341 1.27 -17.56 2.17
CA GLN C 341 1.60 -18.65 1.26
C GLN C 341 0.95 -18.53 -0.11
N VAL C 342 0.28 -17.40 -0.34
CA VAL C 342 -0.46 -17.18 -1.59
C VAL C 342 0.04 -15.92 -2.29
N ASN C 343 0.31 -16.08 -3.58
CA ASN C 343 0.67 -14.96 -4.45
C ASN C 343 -0.27 -14.97 -5.67
N LEU C 344 -1.19 -14.02 -5.71
CA LEU C 344 -2.16 -13.97 -6.81
C LEU C 344 -1.45 -13.56 -8.09
N LYS C 345 -1.67 -14.28 -9.18
CA LYS C 345 -0.96 -13.99 -10.44
C LYS C 345 -1.88 -13.50 -11.54
N TYR C 346 -3.00 -14.19 -11.73
CA TYR C 346 -3.93 -13.83 -12.79
C TYR C 346 -5.36 -13.73 -12.30
N LEU C 347 -6.15 -12.93 -13.00
CA LEU C 347 -7.59 -12.81 -12.77
C LEU C 347 -8.25 -13.01 -14.12
N LEU C 348 -9.18 -13.94 -14.21
CA LEU C 348 -9.86 -14.24 -15.47
C LEU C 348 -11.30 -13.79 -15.38
N LYS C 349 -11.76 -13.12 -16.44
CA LYS C 349 -13.16 -12.87 -16.62
C LYS C 349 -13.74 -13.97 -17.52
N LEU C 350 -14.71 -14.69 -16.96
CA LEU C 350 -15.23 -15.91 -17.57
C LEU C 350 -16.67 -15.72 -17.99
N LYS C 351 -16.99 -16.21 -19.18
CA LYS C 351 -18.38 -16.34 -19.60
C LYS C 351 -18.86 -17.77 -19.34
N PHE C 352 -19.91 -17.89 -18.54
CA PHE C 352 -20.57 -19.17 -18.28
C PHE C 352 -21.70 -19.39 -19.27
N ASN C 353 -21.56 -20.39 -20.14
CA ASN C 353 -22.64 -20.75 -21.05
C ASN C 353 -23.43 -21.89 -20.44
N PHE C 354 -24.62 -21.60 -19.94
CA PHE C 354 -25.39 -22.61 -19.24
C PHE C 354 -26.13 -23.51 -20.21
N LYS C 355 -26.22 -24.78 -19.85
CA LYS C 355 -26.78 -25.78 -20.76
C LYS C 355 -28.30 -25.68 -20.84
N THR C 356 -28.94 -25.54 -19.68
CA THR C 356 -30.40 -25.50 -19.63
C THR C 356 -30.87 -24.05 -19.76
N SER C 357 -32.05 -23.87 -20.33
CA SER C 357 -32.67 -22.54 -20.41
C SER C 357 -33.86 -22.43 -19.47
N LEU D 15 23.96 -27.37 28.34
CA LEU D 15 24.41 -27.88 27.05
C LEU D 15 23.62 -29.12 26.63
N HIS D 16 23.58 -29.38 25.33
CA HIS D 16 22.83 -30.51 24.81
C HIS D 16 23.71 -31.76 24.65
N GLN D 17 23.10 -32.92 24.87
CA GLN D 17 23.76 -34.20 24.74
C GLN D 17 24.61 -34.31 23.48
N GLU D 18 24.02 -33.91 22.36
CA GLU D 18 24.70 -33.99 21.07
C GLU D 18 25.78 -32.93 20.91
N GLY D 19 25.78 -31.94 21.79
CA GLY D 19 26.72 -30.84 21.67
C GLY D 19 26.16 -29.72 20.80
N PHE D 20 24.87 -29.85 20.46
CA PHE D 20 24.12 -28.85 19.69
C PHE D 20 22.64 -29.14 19.79
N SER D 21 21.83 -28.19 19.37
CA SER D 21 20.41 -28.39 19.26
C SER D 21 19.99 -28.03 17.83
N ILE D 22 19.37 -28.96 17.13
CA ILE D 22 19.00 -28.71 15.76
C ILE D 22 18.03 -27.50 15.61
N PRO D 23 17.00 -27.38 16.50
CA PRO D 23 16.16 -26.18 16.41
C PRO D 23 16.92 -24.87 16.68
N LEU D 24 17.90 -24.84 17.56
CA LEU D 24 18.64 -23.60 17.80
C LEU D 24 19.54 -23.27 16.61
N LEU D 25 20.18 -24.28 16.03
CA LEU D 25 20.99 -24.07 14.84
C LEU D 25 20.12 -23.57 13.68
N TRP D 26 18.92 -24.13 13.57
CA TRP D 26 18.02 -23.72 12.51
C TRP D 26 17.61 -22.27 12.71
N LEU D 27 17.25 -21.91 13.95
CA LEU D 27 16.88 -20.53 14.30
C LEU D 27 18.02 -19.54 14.06
N GLN D 28 19.24 -19.91 14.48
CA GLN D 28 20.43 -19.11 14.21
C GLN D 28 20.59 -18.86 12.73
N ASN D 29 20.44 -19.94 11.96
CA ASN D 29 20.58 -19.86 10.52
C ASN D 29 19.56 -18.93 9.90
N CYS D 30 18.34 -18.98 10.41
CA CYS D 30 17.26 -18.08 9.95
C CYS D 30 17.58 -16.62 10.23
N LEU D 31 18.04 -16.36 11.45
CA LEU D 31 18.38 -15.00 11.84
C LEU D 31 19.52 -14.45 11.00
N ILE D 32 20.53 -15.28 10.76
CA ILE D 32 21.71 -14.87 10.01
C ILE D 32 21.34 -14.54 8.59
N ARG D 33 20.53 -15.40 7.98
CA ARG D 33 20.18 -15.21 6.59
C ARG D 33 19.25 -14.00 6.45
N ALA D 34 18.37 -13.78 7.42
CA ALA D 34 17.54 -12.58 7.38
C ALA D 34 18.42 -11.31 7.49
N ALA D 35 19.44 -11.35 8.34
CA ALA D 35 20.35 -10.22 8.50
C ALA D 35 21.10 -9.92 7.21
N ASP D 36 21.59 -10.97 6.55
CA ASP D 36 22.34 -10.81 5.32
C ASP D 36 21.43 -10.29 4.20
N ASP D 37 20.21 -10.81 4.13
CA ASP D 37 19.21 -10.36 3.16
C ASP D 37 18.90 -8.88 3.31
N ARG D 38 18.52 -8.47 4.52
CA ARG D 38 18.18 -7.08 4.81
C ARG D 38 19.33 -6.14 4.52
N GLU D 39 20.53 -6.57 4.89
CA GLU D 39 21.72 -5.76 4.67
C GLU D 39 21.99 -5.57 3.18
N GLU D 40 21.83 -6.63 2.39
CA GLU D 40 22.01 -6.53 0.95
C GLU D 40 20.89 -5.72 0.28
N ASP D 41 19.65 -5.91 0.74
CA ASP D 41 18.50 -5.26 0.12
C ASP D 41 18.45 -3.75 0.39
N GLY D 42 18.45 -3.36 1.67
CA GLY D 42 18.42 -1.95 2.03
C GLY D 42 17.06 -1.56 2.55
N CYS D 43 16.07 -2.37 2.22
CA CYS D 43 14.74 -2.27 2.80
C CYS D 43 14.50 -3.59 3.49
N SER D 44 13.66 -3.61 4.51
CA SER D 44 13.43 -4.84 5.22
C SER D 44 11.95 -5.16 5.34
N GLN D 45 11.64 -6.42 5.03
CA GLN D 45 10.29 -6.95 5.12
C GLN D 45 10.24 -7.93 6.29
N ALA D 46 9.09 -7.99 6.97
CA ALA D 46 8.89 -9.03 7.98
C ALA D 46 9.08 -10.38 7.31
N VAL D 47 9.78 -11.29 8.00
CA VAL D 47 10.13 -12.58 7.41
C VAL D 47 9.66 -13.73 8.30
N PRO D 48 8.93 -14.69 7.71
CA PRO D 48 8.41 -15.82 8.50
C PRO D 48 9.48 -16.82 8.89
N LEU D 49 9.34 -17.45 10.05
CA LEU D 49 10.11 -18.66 10.34
C LEU D 49 9.34 -19.87 9.88
N VAL D 50 9.85 -20.57 8.87
CA VAL D 50 9.11 -21.68 8.28
C VAL D 50 9.77 -23.02 8.58
N PRO D 51 9.30 -23.71 9.62
CA PRO D 51 9.89 -25.01 9.97
C PRO D 51 9.63 -26.02 8.87
N LEU D 52 10.68 -26.67 8.40
CA LEU D 52 10.54 -27.64 7.32
C LEU D 52 10.36 -29.03 7.89
N THR D 53 10.59 -29.18 9.20
CA THR D 53 10.60 -30.51 9.81
C THR D 53 9.67 -30.58 11.01
N GLU D 54 9.30 -31.80 11.39
CA GLU D 54 8.49 -31.99 12.58
C GLU D 54 9.22 -31.50 13.83
N GLU D 55 10.51 -31.79 13.95
CA GLU D 55 11.28 -31.36 15.13
C GLU D 55 11.30 -29.84 15.30
N ASN D 56 11.54 -29.11 14.20
CA ASN D 56 11.63 -27.66 14.31
C ASN D 56 10.26 -27.02 14.57
N GLU D 57 9.20 -27.58 14.00
CA GLU D 57 7.84 -27.11 14.33
C GLU D 57 7.51 -27.46 15.79
N GLU D 58 7.93 -28.64 16.23
CA GLU D 58 7.75 -29.03 17.63
C GLU D 58 8.43 -28.02 18.54
N ALA D 59 9.63 -27.58 18.18
CA ALA D 59 10.28 -26.49 18.91
C ALA D 59 9.40 -25.25 18.85
N MET D 60 8.85 -24.94 17.66
CA MET D 60 8.09 -23.72 17.50
C MET D 60 6.78 -23.75 18.32
N GLU D 61 6.35 -24.95 18.71
CA GLU D 61 5.17 -25.12 19.56
C GLU D 61 5.54 -25.33 21.04
N ASN D 62 6.83 -25.39 21.34
CA ASN D 62 7.33 -25.52 22.71
C ASN D 62 7.26 -24.20 23.46
N GLU D 63 6.63 -24.19 24.63
CA GLU D 63 6.42 -22.96 25.40
C GLU D 63 7.73 -22.26 25.79
N GLN D 64 8.75 -23.04 26.14
CA GLN D 64 10.02 -22.45 26.54
C GLN D 64 10.77 -21.89 25.33
N PHE D 65 10.66 -22.57 24.20
CA PHE D 65 11.32 -22.10 22.98
C PHE D 65 10.66 -20.79 22.53
N GLN D 66 9.34 -20.70 22.69
CA GLN D 66 8.59 -19.50 22.33
C GLN D 66 8.99 -18.30 23.17
N GLN D 67 9.23 -18.51 24.47
CA GLN D 67 9.68 -17.43 25.33
C GLN D 67 11.05 -16.93 24.89
N LEU D 68 11.92 -17.85 24.48
CA LEU D 68 13.21 -17.46 23.91
C LEU D 68 13.03 -16.63 22.65
N LEU D 69 12.12 -17.07 21.78
CA LEU D 69 11.80 -16.33 20.56
C LEU D 69 11.40 -14.89 20.86
N ARG D 70 10.48 -14.71 21.80
CA ARG D 70 10.02 -13.37 22.19
C ARG D 70 11.18 -12.54 22.77
N LYS D 71 12.03 -13.18 23.55
CA LYS D 71 13.20 -12.51 24.10
C LYS D 71 14.07 -11.97 22.95
N LEU D 72 14.14 -12.70 21.84
CA LEU D 72 14.96 -12.27 20.71
C LEU D 72 14.28 -11.21 19.86
N GLY D 73 13.00 -10.95 20.12
CA GLY D 73 12.25 -9.98 19.35
C GLY D 73 11.45 -10.58 18.18
N VAL D 74 11.41 -11.91 18.10
CA VAL D 74 10.54 -12.61 17.13
C VAL D 74 9.10 -12.50 17.60
N ARG D 75 8.14 -12.35 16.68
CA ARG D 75 6.73 -12.18 17.07
C ARG D 75 5.88 -13.38 16.67
N PRO D 76 4.83 -13.67 17.48
CA PRO D 76 3.88 -14.73 17.15
C PRO D 76 3.12 -14.41 15.87
N PRO D 77 2.53 -15.43 15.24
CA PRO D 77 1.68 -15.23 14.07
C PRO D 77 0.51 -14.33 14.43
N ALA D 78 0.10 -13.46 13.50
CA ALA D 78 -1.13 -12.72 13.66
C ALA D 78 -2.30 -13.70 13.88
N SER D 79 -3.23 -13.31 14.75
CA SER D 79 -4.37 -14.13 15.05
C SER D 79 -5.23 -14.37 13.81
N GLY D 80 -5.55 -15.63 13.56
CA GLY D 80 -6.49 -15.98 12.52
C GLY D 80 -5.86 -16.14 11.15
N GLN D 81 -4.97 -15.21 10.77
CA GLN D 81 -4.48 -15.14 9.39
C GLN D 81 -3.12 -15.80 9.19
N GLU D 82 -2.36 -16.01 10.27
CA GLU D 82 -1.01 -16.55 10.16
C GLU D 82 -0.81 -17.71 11.10
N THR D 83 0.16 -18.56 10.79
CA THR D 83 0.59 -19.60 11.72
C THR D 83 2.10 -19.48 12.02
N PHE D 84 2.87 -18.93 11.09
CA PHE D 84 4.31 -18.81 11.30
C PHE D 84 4.65 -17.61 12.15
N TRP D 85 5.60 -17.80 13.07
CA TRP D 85 6.21 -16.68 13.75
C TRP D 85 6.91 -15.83 12.71
N ARG D 86 7.05 -14.53 12.99
CA ARG D 86 7.69 -13.60 12.09
C ARG D 86 8.85 -12.89 12.78
N ILE D 87 9.92 -12.71 12.01
CA ILE D 87 10.99 -11.78 12.34
C ILE D 87 10.57 -10.39 11.87
N PRO D 88 10.21 -9.51 12.80
CA PRO D 88 9.66 -8.19 12.45
C PRO D 88 10.64 -7.40 11.59
N ALA D 89 10.12 -6.53 10.75
CA ALA D 89 10.97 -5.80 9.82
C ALA D 89 11.86 -4.79 10.54
N LYS D 90 11.45 -4.39 11.75
CA LYS D 90 12.17 -3.34 12.47
C LYS D 90 13.52 -3.80 13.02
N LEU D 91 13.74 -5.11 13.09
CA LEU D 91 15.00 -5.64 13.61
C LEU D 91 16.08 -5.45 12.57
N SER D 92 17.12 -4.69 12.95
CA SER D 92 18.25 -4.44 12.08
C SER D 92 19.13 -5.68 11.88
N PRO D 93 19.94 -5.69 10.81
CA PRO D 93 20.90 -6.79 10.64
C PRO D 93 21.77 -6.98 11.87
N THR D 94 22.14 -5.87 12.52
CA THR D 94 22.93 -5.94 13.72
C THR D 94 22.17 -6.60 14.88
N GLN D 95 20.89 -6.26 15.05
CA GLN D 95 20.10 -6.87 16.12
C GLN D 95 19.90 -8.37 15.88
N LEU D 96 19.63 -8.71 14.62
CA LEU D 96 19.49 -10.11 14.22
C LEU D 96 20.76 -10.89 14.47
N ARG D 97 21.90 -10.29 14.19
CA ARG D 97 23.19 -10.98 14.34
C ARG D 97 23.51 -11.16 15.83
N ARG D 98 23.15 -10.17 16.65
CA ARG D 98 23.38 -10.25 18.08
C ARG D 98 22.49 -11.34 18.67
N ALA D 99 21.24 -11.38 18.21
CA ALA D 99 20.31 -12.43 18.57
C ALA D 99 20.89 -13.80 18.24
N ALA D 100 21.39 -13.94 17.02
CA ALA D 100 21.89 -15.25 16.56
C ALA D 100 23.07 -15.69 17.41
N ALA D 101 23.94 -14.74 17.71
CA ALA D 101 25.16 -15.02 18.46
C ALA D 101 24.89 -15.35 19.94
N SER D 102 23.71 -14.98 20.44
CA SER D 102 23.36 -15.27 21.83
C SER D 102 22.89 -16.70 22.00
N LEU D 103 22.71 -17.40 20.88
CA LEU D 103 22.40 -18.83 20.93
C LEU D 103 23.68 -19.65 20.75
C1 GOL E . 4.43 20.45 2.87
O1 GOL E . 4.49 20.91 4.21
C2 GOL E . 3.18 21.02 2.29
O2 GOL E . 2.18 20.09 2.64
C3 GOL E . 2.96 22.37 2.96
O3 GOL E . 1.61 22.80 2.90
C1 GOL F . 2.42 5.46 -2.21
O1 GOL F . 1.95 6.32 -1.18
C2 GOL F . 3.86 5.85 -2.57
O2 GOL F . 4.56 4.76 -3.11
C3 GOL F . 4.53 6.30 -1.28
O3 GOL F . 5.90 5.94 -1.31
C ACT G . 10.81 24.13 5.40
O ACT G . 11.10 23.54 6.47
OXT ACT G . 11.70 24.85 4.90
CH3 ACT G . 9.45 23.97 4.78
C1 GOL H . 26.70 -0.92 -28.94
O1 GOL H . 27.60 -0.39 -27.99
C2 GOL H . 26.11 0.22 -29.75
O2 GOL H . 26.41 0.05 -31.12
C3 GOL H . 24.60 0.29 -29.57
O3 GOL H . 23.99 -0.04 -30.80
C1 GOL I . -15.01 -15.68 -0.15
O1 GOL I . -15.91 -15.01 0.71
C2 GOL I . -13.59 -15.40 0.30
O2 GOL I . -13.22 -16.39 1.23
C3 GOL I . -12.65 -15.46 -0.88
O3 GOL I . -13.25 -16.23 -1.89
C ACT J . -12.24 -22.75 -4.46
O ACT J . -11.78 -23.87 -4.82
OXT ACT J . -12.28 -21.83 -5.33
CH3 ACT J . -12.74 -22.56 -3.06
CA CA K . -13.03 -18.61 4.14
#